data_3QI9
#
_entry.id   3QI9
#
_cell.length_a   95.697
_cell.length_b   95.697
_cell.length_c   289.710
_cell.angle_alpha   90.00
_cell.angle_beta   90.00
_cell.angle_gamma   90.00
#
_symmetry.space_group_name_H-M   'P 41 21 2'
#
loop_
_entity.id
_entity.type
_entity.pdbx_description
1 polymer 'Antigen-presenting glycoprotein CD1d1'
2 polymer Beta-2-microglobulin
3 polymer 'NKT TCR V alpha 14'
4 polymer 'NKT TCR V beta 6 2A3-D'
5 branched 2-acetamido-2-deoxy-beta-D-glucopyranose-(1-4)-2-acetamido-2-deoxy-beta-D-glucopyranose
6 non-polymer 2-acetamido-2-deoxy-beta-D-glucopyranose
7 non-polymer '2-[(HYDROXY{[(2R,3R,5S,6R)-2,3,4,5,6-PENTAHYDROXYCYCLOHEXYL]OXY}PHOSPHORYL)OXY]-1-[(PALMITOYLOXY)METHYL]ETHYL HEPTADECANOATE'
8 non-polymer 'MAGNESIUM ION'
9 non-polymer GLYCEROL
10 water water
#
loop_
_entity_poly.entity_id
_entity_poly.type
_entity_poly.pdbx_seq_one_letter_code
_entity_poly.pdbx_strand_id
1 'polypeptide(L)'
;SEAQQKNYTFRCLQMSSFANRSWSRTDSVVWLGDLQTHRWSNDSATISFTKPWSQGKLSNQQWEKLQHMFQVYRVSFTRD
IQELVKMMSPKEDYPIEIQLSAGCEMYPGNASESFLHVAFQGKYVVRFWGTSWQTVPGAPSWLDLPIKVLNADQGTSATV
QMLLNDTCPLFVRGLLEAGKSDLEKQEKPVAWLSSVPSSAHGHRQLVCHVSGFYPKPVWVMWMRGDQEQQGTHRGDFLPN
ADETWYLQATLDVEAGEEAGLACRVKHSSLGGQDIILYWGSLHHILDAQKMVWNHRHHHHHH
;
A
2 'polypeptide(L)'
;IQKTPQIQVYSRHPPENGKPNILNCYVTQFHPPHIEIQMLKNGKKIPKVEMSDMSFSKDWSFYILAHTEFTPTETDTYAC
RVKHASMAEPKTVYWDRDM
;
B
3 'polypeptide(L)'
;TQVEQSPQSLVVRQGENSVLQCNYSVTPDNHLRWFKQDTGKGLVSLTVLVDQKDKTSNGRYSATLDKDAKHSTLHITATL
LDDTATYICVVGDRGSALGRLHFGAGTQLIVIPDIQNPDPAVYQLRDSKSSDKSVCLFTDFDSQTNVSQSKDSDVYITDK
CVLDMRSMDFKSNSAVAWSNKSDFACANAFNNSIIPEDTFFPSPESS
;
C
4 'polypeptide(L)'
;GGIITQTPKFLIGQEGQKLTLKCQQNFNHDTMYWYRQDSGKGLRLIYYSYGAGSTEKGDLSEGYDASREKKSSFSLTVTS
AQKNEMAVFLCASGSLLDVREVFFGKGTRLTVVEALKNVFPPEVAVFEPSEAEISHTQKATLVCLATGFYPDHVELSWWV
NGKEVHSGVCTDPQPLKEQPALNDSRYALSSRLRVSATFWQNPRNHFRCQVQFYGLSENDEWTQDRAKPVTQIVSAEAWG
RAD
;
D
#
# COMPACT_ATOMS: atom_id res chain seq x y z
N LYS A 6 39.59 -2.79 -12.59
CA LYS A 6 38.48 -3.71 -12.50
C LYS A 6 38.50 -4.22 -11.10
N ASN A 7 39.02 -3.41 -10.19
CA ASN A 7 39.41 -3.85 -8.85
C ASN A 7 38.36 -4.39 -7.87
N TYR A 8 37.19 -3.77 -7.80
CA TYR A 8 36.26 -4.07 -6.69
C TYR A 8 34.79 -4.11 -6.96
N THR A 9 34.11 -5.11 -6.42
CA THR A 9 32.67 -5.23 -6.55
C THR A 9 31.98 -4.90 -5.22
N PHE A 10 31.12 -3.90 -5.27
CA PHE A 10 30.30 -3.49 -4.13
C PHE A 10 28.93 -4.18 -4.25
N ARG A 11 28.51 -4.84 -3.18
CA ARG A 11 27.28 -5.63 -3.21
C ARG A 11 26.39 -5.34 -2.02
N CYS A 12 25.16 -4.94 -2.30
CA CYS A 12 24.11 -4.87 -1.31
C CYS A 12 23.25 -6.11 -1.51
N LEU A 13 23.20 -6.96 -0.49
CA LEU A 13 22.48 -8.23 -0.61
C LEU A 13 21.27 -8.26 0.31
N GLN A 14 20.10 -8.41 -0.31
CA GLN A 14 18.84 -8.46 0.42
C GLN A 14 18.29 -9.88 0.39
N MET A 15 17.86 -10.35 1.56
CA MET A 15 17.25 -11.67 1.70
C MET A 15 15.87 -11.54 2.32
N SER A 16 14.85 -11.89 1.55
CA SER A 16 13.47 -11.75 2.01
C SER A 16 12.77 -13.10 1.99
N SER A 17 12.21 -13.47 3.14
CA SER A 17 11.51 -14.74 3.29
C SER A 17 10.05 -14.50 3.62
N PHE A 18 9.17 -15.16 2.87
CA PHE A 18 7.74 -15.07 3.08
C PHE A 18 7.22 -16.49 3.29
N ALA A 19 6.82 -16.78 4.50
CA ALA A 19 6.28 -18.06 4.84
C ALA A 19 4.80 -18.19 4.50
N ASN A 20 4.03 -17.21 4.89
CA ASN A 20 2.63 -17.23 4.66
C ASN A 20 2.20 -15.81 4.53
N ARG A 21 0.90 -15.58 4.46
CA ARG A 21 0.34 -14.26 4.27
C ARG A 21 0.69 -13.28 5.35
N SER A 22 1.03 -13.75 6.53
CA SER A 22 1.34 -12.83 7.59
C SER A 22 2.80 -12.72 7.87
N TRP A 23 3.47 -13.84 8.01
CA TRP A 23 4.87 -13.92 8.45
C TRP A 23 5.83 -13.56 7.35
N SER A 24 6.74 -12.63 7.65
CA SER A 24 7.78 -12.21 6.71
C SER A 24 8.94 -11.51 7.41
N ARG A 25 10.14 -11.64 6.84
CA ARG A 25 11.31 -10.91 7.31
C ARG A 25 12.30 -10.61 6.19
N THR A 26 12.98 -9.48 6.32
CA THR A 26 14.02 -9.07 5.38
C THR A 26 15.31 -8.77 6.16
N ASP A 27 16.41 -9.38 5.72
CA ASP A 27 17.73 -9.12 6.31
C ASP A 27 18.69 -8.78 5.19
N SER A 28 19.56 -7.81 5.44
CA SER A 28 20.51 -7.38 4.42
C SER A 28 21.93 -7.32 4.95
N VAL A 29 22.88 -7.57 4.05
CA VAL A 29 24.29 -7.40 4.34
C VAL A 29 24.94 -6.69 3.15
N VAL A 30 25.97 -5.90 3.44
CA VAL A 30 26.66 -5.17 2.39
C VAL A 30 28.14 -5.56 2.37
N TRP A 31 28.64 -5.81 1.16
CA TRP A 31 30.02 -6.22 0.95
C TRP A 31 30.73 -5.29 0.01
N LEU A 32 31.98 -4.98 0.36
CA LEU A 32 32.92 -4.37 -0.57
C LEU A 32 34.07 -5.36 -0.77
N GLY A 33 34.19 -5.90 -1.98
CA GLY A 33 35.09 -7.02 -2.24
C GLY A 33 34.66 -8.20 -1.39
N ASP A 34 35.56 -8.64 -0.50
CA ASP A 34 35.23 -9.70 0.45
C ASP A 34 35.20 -9.23 1.90
N LEU A 35 35.12 -7.91 2.09
CA LEU A 35 34.96 -7.34 3.43
C LEU A 35 33.54 -6.82 3.63
N GLN A 36 32.94 -7.17 4.77
CA GLN A 36 31.59 -6.72 5.09
C GLN A 36 31.61 -5.29 5.64
N THR A 37 30.71 -4.45 5.13
CA THR A 37 30.65 -3.04 5.52
C THR A 37 29.39 -2.70 6.33
N HIS A 38 28.27 -3.36 6.01
CA HIS A 38 27.01 -3.10 6.71
C HIS A 38 26.26 -4.36 7.00
N ARG A 39 25.37 -4.30 7.99
CA ARG A 39 24.37 -5.33 8.23
C ARG A 39 23.04 -4.67 8.58
N TRP A 40 21.94 -5.29 8.14
CA TRP A 40 20.61 -4.77 8.44
C TRP A 40 19.66 -5.87 8.77
N SER A 41 19.51 -6.13 10.07
CA SER A 41 18.60 -7.14 10.58
C SER A 41 17.15 -6.67 10.46
N ASN A 42 16.22 -7.63 10.37
CA ASN A 42 14.79 -7.32 10.29
C ASN A 42 14.27 -6.54 11.49
N ASP A 43 14.75 -6.91 12.69
CA ASP A 43 14.29 -6.30 13.93
C ASP A 43 14.97 -4.96 14.22
N SER A 44 16.00 -4.63 13.43
CA SER A 44 16.71 -3.37 13.57
C SER A 44 16.08 -2.29 12.72
N ALA A 45 15.80 -1.15 13.35
CA ALA A 45 15.22 0.00 12.64
C ALA A 45 16.25 0.70 11.78
N THR A 46 17.51 0.65 12.21
CA THR A 46 18.61 1.34 11.53
C THR A 46 19.65 0.39 10.94
N ILE A 47 20.34 0.85 9.90
CA ILE A 47 21.44 0.12 9.28
C ILE A 47 22.69 0.23 10.14
N SER A 48 23.29 -0.91 10.46
CA SER A 48 24.47 -0.96 11.31
C SER A 48 25.76 -0.91 10.49
N PHE A 49 26.76 -0.22 11.03
CA PHE A 49 28.10 -0.23 10.46
C PHE A 49 28.89 -1.41 11.05
N THR A 50 29.55 -2.18 10.19
CA THR A 50 30.41 -3.27 10.65
C THR A 50 31.88 -2.86 10.56
N LYS A 51 32.12 -1.70 9.94
CA LYS A 51 33.46 -1.11 9.86
C LYS A 51 33.41 0.32 10.38
N PRO A 52 34.56 0.86 10.83
CA PRO A 52 34.62 2.27 11.22
C PRO A 52 34.45 3.23 10.04
N TRP A 53 34.74 2.76 8.83
CA TRP A 53 34.72 3.61 7.63
C TRP A 53 33.52 3.35 6.74
N SER A 54 32.48 2.73 7.30
CA SER A 54 31.31 2.31 6.51
C SER A 54 30.44 3.45 5.97
N GLN A 55 30.52 4.63 6.60
CA GLN A 55 29.77 5.79 6.13
C GLN A 55 30.42 6.41 4.89
N GLY A 56 31.61 5.95 4.56
CA GLY A 56 32.36 6.47 3.40
C GLY A 56 32.71 7.93 3.58
N LYS A 57 32.60 8.70 2.50
CA LYS A 57 32.85 10.14 2.54
C LYS A 57 31.58 10.95 2.81
N LEU A 58 30.45 10.27 2.88
CA LEU A 58 29.15 10.92 3.04
C LEU A 58 28.98 11.62 4.38
N SER A 59 28.27 12.75 4.37
CA SER A 59 27.96 13.48 5.61
C SER A 59 26.85 12.79 6.38
N ASN A 60 26.65 13.20 7.63
CA ASN A 60 25.58 12.66 8.48
C ASN A 60 24.18 12.89 7.92
N GLN A 61 23.99 14.02 7.24
CA GLN A 61 22.72 14.36 6.61
C GLN A 61 22.47 13.46 5.39
N GLN A 62 23.51 13.27 4.57
CA GLN A 62 23.43 12.42 3.39
C GLN A 62 23.15 10.95 3.73
N TRP A 63 23.75 10.48 4.83
CA TRP A 63 23.56 9.11 5.27
C TRP A 63 22.18 8.87 5.83
N GLU A 64 21.71 9.83 6.62
CA GLU A 64 20.37 9.76 7.20
C GLU A 64 19.30 9.79 6.11
N LYS A 65 19.57 10.54 5.05
CA LYS A 65 18.67 10.63 3.90
C LYS A 65 18.51 9.27 3.21
N LEU A 66 19.64 8.60 2.95
CA LEU A 66 19.63 7.26 2.37
C LEU A 66 19.00 6.23 3.29
N GLN A 67 19.35 6.28 4.58
CA GLN A 67 18.78 5.37 5.57
C GLN A 67 17.27 5.47 5.62
N HIS A 68 16.76 6.70 5.64
CA HIS A 68 15.32 6.96 5.63
C HIS A 68 14.65 6.40 4.40
N MET A 69 15.31 6.56 3.25
CA MET A 69 14.83 5.99 1.99
C MET A 69 14.74 4.47 2.06
N PHE A 70 15.76 3.84 2.64
CA PHE A 70 15.79 2.38 2.78
C PHE A 70 14.74 1.84 3.74
N GLN A 71 14.44 2.61 4.78
CA GLN A 71 13.44 2.22 5.77
C GLN A 71 12.04 2.17 5.15
N VAL A 72 11.71 3.19 4.35
CA VAL A 72 10.46 3.25 3.61
C VAL A 72 10.39 2.09 2.61
N TYR A 73 11.47 1.90 1.86
CA TYR A 73 11.56 0.83 0.86
C TYR A 73 11.33 -0.55 1.44
N ARG A 74 12.01 -0.88 2.54
CA ARG A 74 11.93 -2.19 3.16
C ARG A 74 10.49 -2.56 3.52
N VAL A 75 9.78 -1.63 4.14
CA VAL A 75 8.37 -1.80 4.48
C VAL A 75 7.54 -1.92 3.20
N SER A 76 7.86 -1.10 2.20
CA SER A 76 7.11 -1.07 0.94
C SER A 76 7.31 -2.31 0.10
N PHE A 77 8.53 -2.84 0.10
CA PHE A 77 8.86 -4.08 -0.60
C PHE A 77 8.03 -5.24 -0.07
N THR A 78 7.99 -5.38 1.26
CA THR A 78 7.23 -6.44 1.91
C THR A 78 5.79 -6.51 1.43
N ARG A 79 5.07 -5.39 1.51
CA ARG A 79 3.66 -5.34 1.14
C ARG A 79 3.45 -5.55 -0.36
N ASP A 80 4.38 -5.01 -1.16
CA ASP A 80 4.31 -5.16 -2.61
C ASP A 80 4.38 -6.62 -3.05
N ILE A 81 5.25 -7.40 -2.41
CA ILE A 81 5.37 -8.82 -2.71
C ILE A 81 4.10 -9.56 -2.34
N GLN A 82 3.59 -9.30 -1.14
CA GLN A 82 2.32 -9.86 -0.66
C GLN A 82 1.18 -9.60 -1.63
N GLU A 83 1.12 -8.38 -2.17
CA GLU A 83 0.09 -8.00 -3.14
C GLU A 83 0.25 -8.76 -4.45
N LEU A 84 1.50 -8.95 -4.89
CA LEU A 84 1.79 -9.72 -6.11
C LEU A 84 1.37 -11.18 -5.96
N VAL A 85 1.47 -11.73 -4.76
CA VAL A 85 1.01 -13.10 -4.48
C VAL A 85 -0.52 -13.16 -4.58
N LYS A 86 -1.19 -12.16 -4.01
CA LYS A 86 -2.64 -12.03 -4.13
C LYS A 86 -3.05 -11.92 -5.61
N MET A 87 -2.31 -11.13 -6.36
CA MET A 87 -2.51 -11.02 -7.78
C MET A 87 -2.19 -12.27 -8.58
N MET A 88 -1.09 -12.92 -8.24
CA MET A 88 -0.65 -14.06 -9.01
C MET A 88 -1.27 -15.38 -8.57
N SER A 89 -1.88 -15.43 -7.42
CA SER A 89 -2.90 -16.42 -7.16
C SER A 89 -2.46 -17.85 -7.32
N PRO A 90 -3.09 -18.55 -8.25
CA PRO A 90 -2.78 -19.93 -8.55
C PRO A 90 -1.37 -20.13 -9.07
N LYS A 91 -0.87 -19.16 -9.83
CA LYS A 91 0.47 -19.25 -10.39
C LYS A 91 1.52 -19.46 -9.31
N GLU A 92 1.66 -18.49 -8.42
CA GLU A 92 2.62 -18.56 -7.33
C GLU A 92 1.91 -18.58 -5.97
N ASP A 93 2.67 -18.94 -4.94
CA ASP A 93 2.12 -19.00 -3.59
C ASP A 93 3.20 -19.38 -2.57
N TYR A 94 3.08 -18.85 -1.36
CA TYR A 94 4.03 -19.13 -0.30
C TYR A 94 4.32 -20.63 -0.18
N PRO A 95 5.49 -20.97 0.34
CA PRO A 95 6.47 -19.96 0.78
C PRO A 95 7.21 -19.30 -0.38
N ILE A 96 7.67 -18.07 -0.14
CA ILE A 96 8.39 -17.29 -1.14
C ILE A 96 9.76 -16.90 -0.60
N GLU A 97 10.79 -17.11 -1.42
CA GLU A 97 12.13 -16.67 -1.10
C GLU A 97 12.64 -15.75 -2.21
N ILE A 98 13.00 -14.52 -1.84
CA ILE A 98 13.55 -13.56 -2.78
C ILE A 98 14.94 -13.13 -2.34
N GLN A 99 15.87 -13.12 -3.29
CA GLN A 99 17.21 -12.61 -3.04
C GLN A 99 17.49 -11.48 -4.01
N LEU A 100 17.97 -10.37 -3.49
CA LEU A 100 18.27 -9.21 -4.30
C LEU A 100 19.74 -8.82 -4.15
N SER A 101 20.41 -8.64 -5.29
CA SER A 101 21.80 -8.26 -5.32
C SER A 101 21.99 -6.96 -6.11
N ALA A 102 22.33 -5.89 -5.40
CA ALA A 102 22.44 -4.58 -6.02
C ALA A 102 23.77 -3.93 -5.70
N GLY A 103 24.36 -3.29 -6.71
CA GLY A 103 25.61 -2.56 -6.50
C GLY A 103 26.29 -2.17 -7.79
N CYS A 104 27.60 -1.99 -7.69
CA CYS A 104 28.39 -1.58 -8.84
C CYS A 104 29.82 -2.14 -8.78
N GLU A 105 30.40 -2.36 -9.95
CA GLU A 105 31.78 -2.80 -10.04
C GLU A 105 32.64 -1.60 -10.42
N MET A 106 33.64 -1.33 -9.58
CA MET A 106 34.50 -0.16 -9.76
C MET A 106 35.70 -0.50 -10.62
N TYR A 107 36.12 0.48 -11.43
CA TYR A 107 37.28 0.31 -12.30
C TYR A 107 38.19 1.54 -12.20
N PRO A 108 39.51 1.36 -12.45
CA PRO A 108 40.42 2.51 -12.47
C PRO A 108 40.09 3.48 -13.60
N GLY A 109 40.07 4.77 -13.28
CA GLY A 109 39.81 5.83 -14.25
C GLY A 109 38.37 6.30 -14.27
N ASN A 110 37.77 6.40 -13.08
CA ASN A 110 36.37 6.82 -12.91
C ASN A 110 35.36 6.05 -13.77
N ALA A 111 35.65 4.78 -14.02
CA ALA A 111 34.77 3.90 -14.81
C ALA A 111 33.98 2.98 -13.88
N SER A 112 32.70 2.81 -14.18
CA SER A 112 31.81 2.03 -13.33
C SER A 112 30.72 1.32 -14.12
N GLU A 113 30.31 0.16 -13.62
CA GLU A 113 29.15 -0.56 -14.13
C GLU A 113 28.25 -0.89 -12.96
N SER A 114 26.96 -0.60 -13.09
CA SER A 114 26.00 -0.93 -12.04
C SER A 114 25.13 -2.12 -12.41
N PHE A 115 24.51 -2.72 -11.40
CA PHE A 115 23.66 -3.89 -11.58
C PHE A 115 22.63 -3.96 -10.46
N LEU A 116 21.48 -4.56 -10.77
CA LEU A 116 20.48 -4.90 -9.77
C LEU A 116 19.83 -6.21 -10.20
N HIS A 117 20.09 -7.27 -9.45
CA HIS A 117 19.67 -8.61 -9.84
C HIS A 117 18.74 -9.20 -8.82
N VAL A 118 17.68 -9.84 -9.31
CA VAL A 118 16.67 -10.44 -8.43
C VAL A 118 16.58 -11.94 -8.68
N ALA A 119 16.64 -12.70 -7.59
CA ALA A 119 16.42 -14.14 -7.65
C ALA A 119 15.13 -14.52 -6.94
N PHE A 120 14.37 -15.40 -7.58
CA PHE A 120 13.10 -15.88 -7.06
C PHE A 120 13.18 -17.39 -6.88
N GLN A 121 12.95 -17.85 -5.65
CA GLN A 121 13.07 -19.28 -5.28
C GLN A 121 14.44 -19.85 -5.68
N GLY A 122 15.50 -19.08 -5.45
CA GLY A 122 16.87 -19.50 -5.76
C GLY A 122 17.34 -19.28 -7.18
N LYS A 123 16.43 -18.91 -8.08
CA LYS A 123 16.76 -18.74 -9.50
C LYS A 123 16.73 -17.28 -9.94
N TYR A 124 17.76 -16.89 -10.68
CA TYR A 124 17.90 -15.53 -11.23
C TYR A 124 16.86 -15.29 -12.32
N VAL A 125 15.91 -14.39 -12.05
CA VAL A 125 14.74 -14.20 -12.93
C VAL A 125 14.54 -12.77 -13.47
N VAL A 126 14.92 -11.77 -12.68
CA VAL A 126 14.65 -10.37 -13.03
C VAL A 126 15.90 -9.50 -12.85
N ARG A 127 16.08 -8.53 -13.74
CA ARG A 127 17.09 -7.49 -13.56
C ARG A 127 16.52 -6.11 -13.88
N PHE A 128 17.09 -5.08 -13.26
CA PHE A 128 16.79 -3.71 -13.64
C PHE A 128 17.81 -3.28 -14.69
N TRP A 129 17.33 -2.92 -15.87
CA TRP A 129 18.19 -2.56 -16.98
C TRP A 129 17.80 -1.25 -17.61
N GLY A 130 18.67 -0.25 -17.44
CA GLY A 130 18.45 1.07 -18.02
C GLY A 130 17.42 1.89 -17.28
N THR A 131 16.15 1.72 -17.65
CA THR A 131 15.06 2.50 -17.07
C THR A 131 13.93 1.64 -16.50
N SER A 132 14.03 0.32 -16.69
CA SER A 132 12.93 -0.57 -16.32
C SER A 132 13.35 -1.98 -15.92
N TRP A 133 12.46 -2.67 -15.23
CA TRP A 133 12.60 -4.08 -14.93
C TRP A 133 12.41 -4.90 -16.16
N GLN A 134 13.12 -6.02 -16.25
CA GLN A 134 12.92 -6.99 -17.32
C GLN A 134 13.31 -8.40 -16.88
N THR A 135 12.66 -9.38 -17.50
CA THR A 135 12.96 -10.78 -17.27
C THR A 135 14.28 -11.15 -17.95
N VAL A 136 14.97 -12.12 -17.40
CA VAL A 136 16.17 -12.68 -18.02
C VAL A 136 15.81 -14.03 -18.66
N PRO A 137 16.63 -14.50 -19.63
CA PRO A 137 16.31 -15.79 -20.27
C PRO A 137 16.12 -16.93 -19.26
N GLY A 138 15.10 -17.75 -19.48
CA GLY A 138 14.79 -18.85 -18.58
C GLY A 138 13.73 -18.51 -17.54
N ALA A 139 13.45 -17.23 -17.38
CA ALA A 139 12.43 -16.77 -16.44
C ALA A 139 11.05 -17.33 -16.80
N PRO A 140 10.26 -17.71 -15.78
CA PRO A 140 8.88 -18.15 -16.02
C PRO A 140 8.08 -17.08 -16.75
N SER A 141 7.24 -17.50 -17.69
CA SER A 141 6.50 -16.58 -18.55
C SER A 141 5.48 -15.73 -17.79
N TRP A 142 5.05 -16.21 -16.64
CA TRP A 142 4.06 -15.50 -15.82
C TRP A 142 4.58 -14.23 -15.19
N LEU A 143 5.89 -14.07 -15.17
CA LEU A 143 6.53 -12.87 -14.63
C LEU A 143 6.28 -11.62 -15.48
N ASP A 144 5.89 -11.83 -16.74
CA ASP A 144 5.56 -10.74 -17.66
C ASP A 144 4.58 -9.73 -17.08
N LEU A 145 3.53 -10.23 -16.42
CA LEU A 145 2.53 -9.37 -15.80
C LEU A 145 3.07 -8.53 -14.62
N PRO A 146 3.62 -9.18 -13.57
CA PRO A 146 4.20 -8.39 -12.48
C PRO A 146 5.22 -7.34 -12.93
N ILE A 147 6.01 -7.67 -13.96
CA ILE A 147 6.99 -6.72 -14.50
C ILE A 147 6.33 -5.52 -15.18
N LYS A 148 5.26 -5.78 -15.94
CA LYS A 148 4.43 -4.71 -16.48
C LYS A 148 3.88 -3.81 -15.37
N VAL A 149 3.36 -4.44 -14.31
CA VAL A 149 2.75 -3.72 -13.20
C VAL A 149 3.78 -2.88 -12.44
N LEU A 150 4.95 -3.45 -12.21
CA LEU A 150 6.03 -2.76 -11.52
C LEU A 150 6.64 -1.64 -12.38
N ASN A 151 6.70 -1.85 -13.68
CA ASN A 151 7.23 -0.84 -14.61
C ASN A 151 6.32 0.37 -14.81
N ALA A 152 5.05 0.24 -14.41
CA ALA A 152 4.11 1.36 -14.41
C ALA A 152 4.44 2.40 -13.32
N ASP A 153 5.31 2.03 -12.38
CA ASP A 153 5.73 2.92 -11.30
C ASP A 153 6.95 3.74 -11.71
N GLN A 154 6.71 4.92 -12.29
CA GLN A 154 7.78 5.82 -12.74
C GLN A 154 8.62 6.34 -11.57
N GLY A 155 7.98 6.49 -10.42
CA GLY A 155 8.63 7.01 -9.22
C GLY A 155 9.70 6.09 -8.66
N THR A 156 9.35 4.81 -8.47
CA THR A 156 10.30 3.81 -8.03
C THR A 156 11.46 3.73 -9.02
N SER A 157 11.12 3.67 -10.31
CA SER A 157 12.11 3.56 -11.38
C SER A 157 13.13 4.71 -11.34
N ALA A 158 12.64 5.92 -11.11
CA ALA A 158 13.48 7.12 -11.06
C ALA A 158 14.51 7.03 -9.93
N THR A 159 14.08 6.56 -8.76
CA THR A 159 14.97 6.41 -7.61
C THR A 159 15.97 5.26 -7.77
N VAL A 160 15.54 4.17 -8.42
CA VAL A 160 16.44 3.06 -8.74
C VAL A 160 17.55 3.55 -9.66
N GLN A 161 17.18 4.27 -10.72
CA GLN A 161 18.12 4.85 -11.66
C GLN A 161 19.10 5.80 -10.98
N MET A 162 18.60 6.59 -10.02
CA MET A 162 19.44 7.49 -9.25
C MET A 162 20.51 6.74 -8.47
N LEU A 163 20.07 5.71 -7.73
CA LEU A 163 20.97 4.91 -6.89
C LEU A 163 22.01 4.16 -7.71
N LEU A 164 21.60 3.65 -8.87
CA LEU A 164 22.48 2.87 -9.74
C LEU A 164 23.45 3.75 -10.54
N ASN A 165 22.93 4.75 -11.24
CA ASN A 165 23.76 5.63 -12.07
C ASN A 165 24.66 6.56 -11.26
N ASP A 166 24.12 7.12 -10.18
CA ASP A 166 24.80 8.20 -9.46
C ASP A 166 25.27 7.82 -8.05
N THR A 167 24.38 7.25 -7.25
CA THR A 167 24.67 7.03 -5.84
C THR A 167 25.67 5.91 -5.54
N CYS A 168 25.62 4.82 -6.31
CA CYS A 168 26.59 3.72 -6.13
C CYS A 168 28.02 4.17 -6.43
N PRO A 169 28.31 4.58 -7.69
CA PRO A 169 29.69 4.98 -8.02
C PRO A 169 30.27 6.03 -7.08
N LEU A 170 29.45 6.99 -6.67
CA LEU A 170 29.88 8.06 -5.77
C LEU A 170 30.20 7.54 -4.37
N PHE A 171 29.27 6.75 -3.81
CA PHE A 171 29.42 6.22 -2.46
C PHE A 171 30.59 5.26 -2.34
N VAL A 172 30.76 4.40 -3.34
CA VAL A 172 31.82 3.42 -3.37
C VAL A 172 33.20 4.05 -3.40
N ARG A 173 33.32 5.14 -4.15
CA ARG A 173 34.60 5.84 -4.28
C ARG A 173 35.00 6.37 -2.90
N GLY A 174 34.03 6.87 -2.16
CA GLY A 174 34.26 7.32 -0.80
C GLY A 174 34.69 6.16 0.07
N LEU A 175 34.07 5.00 -0.14
CA LEU A 175 34.39 3.80 0.63
C LEU A 175 35.81 3.31 0.34
N LEU A 176 36.22 3.37 -0.93
CA LEU A 176 37.55 2.93 -1.35
C LEU A 176 38.67 3.76 -0.72
N GLU A 177 38.43 5.07 -0.62
CA GLU A 177 39.40 5.98 0.00
C GLU A 177 39.47 5.78 1.51
N ALA A 178 38.31 5.75 2.16
CA ALA A 178 38.22 5.68 3.62
C ALA A 178 38.65 4.34 4.20
N GLY A 179 38.53 3.27 3.42
CA GLY A 179 38.88 1.93 3.87
C GLY A 179 40.17 1.40 3.28
N LYS A 180 40.99 2.31 2.75
CA LYS A 180 42.24 1.97 2.07
C LYS A 180 43.15 1.04 2.88
N SER A 181 43.35 1.35 4.15
CA SER A 181 44.23 0.56 5.02
C SER A 181 43.69 -0.85 5.29
N ASP A 182 42.37 -0.97 5.42
CA ASP A 182 41.73 -2.27 5.60
C ASP A 182 41.68 -3.09 4.31
N LEU A 183 41.40 -2.43 3.20
CA LEU A 183 41.31 -3.11 1.91
C LEU A 183 42.67 -3.58 1.39
N GLU A 184 43.73 -2.86 1.78
CA GLU A 184 45.08 -3.17 1.31
C GLU A 184 45.91 -3.93 2.36
N LYS A 185 45.24 -4.50 3.36
CA LYS A 185 45.93 -5.25 4.41
C LYS A 185 46.55 -6.54 3.88
N GLN A 186 47.73 -6.87 4.39
CA GLN A 186 48.42 -8.10 4.03
C GLN A 186 48.60 -8.95 5.28
N GLU A 187 47.92 -10.10 5.30
CA GLU A 187 48.03 -11.04 6.42
C GLU A 187 48.72 -12.32 5.96
N LYS A 188 49.73 -12.73 6.73
CA LYS A 188 50.57 -13.87 6.38
C LYS A 188 49.87 -15.21 6.63
N PRO A 189 49.96 -16.13 5.66
CA PRO A 189 49.44 -17.48 5.85
C PRO A 189 50.30 -18.30 6.82
N VAL A 190 49.66 -19.21 7.53
CA VAL A 190 50.34 -20.19 8.37
C VAL A 190 49.98 -21.58 7.84
N ALA A 191 50.99 -22.38 7.53
CA ALA A 191 50.78 -23.70 6.97
C ALA A 191 51.14 -24.83 7.95
N TRP A 192 50.41 -25.93 7.86
CA TRP A 192 50.75 -27.15 8.61
C TRP A 192 50.24 -28.38 7.91
N LEU A 193 50.93 -29.50 8.13
CA LEU A 193 50.64 -30.74 7.40
C LEU A 193 49.94 -31.79 8.25
N SER A 194 49.17 -32.65 7.58
CA SER A 194 48.56 -33.83 8.20
C SER A 194 48.36 -34.91 7.13
N SER A 195 47.85 -36.07 7.55
CA SER A 195 47.51 -37.13 6.61
C SER A 195 46.40 -38.04 7.14
N VAL A 196 45.65 -38.61 6.19
CA VAL A 196 44.64 -39.63 6.46
C VAL A 196 44.82 -40.79 5.47
N PRO A 197 44.32 -41.99 5.83
CA PRO A 197 44.36 -43.09 4.86
C PRO A 197 43.37 -42.88 3.71
N SER A 198 43.79 -43.24 2.50
CA SER A 198 42.92 -43.18 1.32
C SER A 198 42.01 -44.39 1.26
N SER A 199 41.02 -44.34 0.36
CA SER A 199 40.11 -45.47 0.13
C SER A 199 40.86 -46.66 -0.48
N ALA A 200 41.85 -46.36 -1.32
CA ALA A 200 42.74 -47.38 -1.86
C ALA A 200 43.66 -47.91 -0.77
N HIS A 201 43.78 -49.23 -0.70
CA HIS A 201 44.66 -49.89 0.27
C HIS A 201 46.10 -49.51 0.03
N GLY A 202 46.80 -49.21 1.11
CA GLY A 202 48.22 -48.84 1.04
C GLY A 202 48.48 -47.45 0.49
N HIS A 203 47.43 -46.65 0.40
CA HIS A 203 47.54 -45.28 -0.08
C HIS A 203 47.23 -44.30 1.01
N ARG A 204 47.83 -43.11 0.92
CA ARG A 204 47.57 -42.05 1.89
C ARG A 204 47.29 -40.71 1.24
N GLN A 205 46.40 -39.93 1.86
CA GLN A 205 46.10 -38.58 1.42
C GLN A 205 46.81 -37.56 2.30
N LEU A 206 47.75 -36.84 1.71
CA LEU A 206 48.49 -35.80 2.42
C LEU A 206 47.75 -34.47 2.34
N VAL A 207 47.57 -33.82 3.49
CA VAL A 207 46.83 -32.55 3.58
C VAL A 207 47.76 -31.41 4.02
N CYS A 208 47.84 -30.38 3.19
CA CYS A 208 48.53 -29.15 3.53
C CYS A 208 47.51 -28.07 3.88
N HIS A 209 47.39 -27.76 5.16
CA HIS A 209 46.49 -26.70 5.65
C HIS A 209 47.16 -25.36 5.55
N VAL A 210 46.44 -24.37 5.05
CA VAL A 210 46.93 -23.00 4.95
C VAL A 210 45.87 -22.04 5.49
N SER A 211 46.17 -21.37 6.59
CA SER A 211 45.18 -20.54 7.27
C SER A 211 45.68 -19.14 7.57
N GLY A 212 44.74 -18.20 7.65
CA GLY A 212 45.00 -16.84 8.12
C GLY A 212 45.60 -15.87 7.11
N PHE A 213 45.51 -16.21 5.83
CA PHE A 213 46.02 -15.31 4.78
C PHE A 213 44.99 -14.31 4.27
N TYR A 214 45.49 -13.14 3.84
CA TYR A 214 44.68 -12.10 3.21
C TYR A 214 45.61 -11.16 2.43
N PRO A 215 45.23 -10.79 1.19
CA PRO A 215 44.01 -11.10 0.43
C PRO A 215 43.91 -12.53 -0.09
N LYS A 216 42.83 -12.82 -0.81
CA LYS A 216 42.47 -14.18 -1.24
C LYS A 216 43.45 -14.87 -2.21
N PRO A 217 43.98 -14.16 -3.22
CA PRO A 217 44.87 -14.85 -4.16
C PRO A 217 46.03 -15.56 -3.46
N VAL A 218 46.17 -16.86 -3.71
CA VAL A 218 47.18 -17.70 -3.06
C VAL A 218 47.56 -18.88 -3.96
N TRP A 219 48.74 -19.45 -3.73
CA TRP A 219 49.27 -20.53 -4.56
C TRP A 219 49.78 -21.62 -3.67
N VAL A 220 49.21 -22.82 -3.81
CA VAL A 220 49.57 -23.95 -2.97
C VAL A 220 49.75 -25.21 -3.81
N MET A 221 50.95 -25.79 -3.75
CA MET A 221 51.28 -27.00 -4.50
C MET A 221 52.18 -27.95 -3.71
N TRP A 222 51.85 -29.23 -3.75
CA TRP A 222 52.76 -30.26 -3.28
C TRP A 222 53.88 -30.41 -4.26
N MET A 223 55.10 -30.52 -3.73
CA MET A 223 56.31 -30.53 -4.56
C MET A 223 57.25 -31.67 -4.19
N ARG A 224 57.90 -32.24 -5.20
CA ARG A 224 59.09 -33.06 -4.99
C ARG A 224 60.26 -32.35 -5.66
N GLY A 225 61.00 -31.59 -4.88
CA GLY A 225 62.05 -30.73 -5.41
C GLY A 225 61.45 -29.58 -6.19
N ASP A 226 61.86 -29.45 -7.46
CA ASP A 226 61.32 -28.43 -8.36
C ASP A 226 60.11 -28.93 -9.14
N GLN A 227 59.76 -30.20 -8.95
CA GLN A 227 58.66 -30.82 -9.68
C GLN A 227 57.33 -30.65 -8.96
N GLU A 228 56.42 -29.89 -9.57
CA GLU A 228 55.06 -29.75 -9.09
C GLU A 228 54.34 -31.09 -9.24
N GLN A 229 53.63 -31.49 -8.18
CA GLN A 229 52.86 -32.73 -8.23
C GLN A 229 51.47 -32.42 -8.76
N GLN A 230 51.21 -32.83 -9.99
CA GLN A 230 49.96 -32.48 -10.69
C GLN A 230 48.71 -33.14 -10.11
N GLY A 231 48.90 -34.11 -9.22
CA GLY A 231 47.81 -34.74 -8.50
C GLY A 231 47.30 -33.92 -7.32
N THR A 232 47.88 -32.74 -7.14
CA THR A 232 47.45 -31.82 -6.08
C THR A 232 46.03 -31.32 -6.35
N HIS A 233 45.15 -31.52 -5.37
CA HIS A 233 43.79 -30.99 -5.45
C HIS A 233 43.60 -29.87 -4.47
N ARG A 234 43.47 -28.66 -5.00
CA ARG A 234 43.11 -27.48 -4.21
C ARG A 234 41.65 -27.60 -3.77
N GLY A 235 41.39 -27.29 -2.50
CA GLY A 235 40.02 -27.26 -1.97
C GLY A 235 39.37 -25.91 -2.22
N ASP A 236 38.22 -25.68 -1.59
CA ASP A 236 37.54 -24.39 -1.69
C ASP A 236 38.13 -23.40 -0.69
N PHE A 237 38.04 -22.12 -1.01
CA PHE A 237 38.40 -21.07 -0.05
C PHE A 237 37.35 -21.03 1.05
N LEU A 238 37.81 -21.08 2.29
CA LEU A 238 36.92 -21.07 3.44
C LEU A 238 37.23 -19.86 4.31
N PRO A 239 36.18 -19.16 4.76
CA PRO A 239 36.41 -17.96 5.54
C PRO A 239 36.78 -18.28 6.98
N ASN A 240 37.62 -17.43 7.57
CA ASN A 240 37.82 -17.41 9.00
C ASN A 240 37.05 -16.25 9.60
N ALA A 241 36.79 -16.32 10.90
CA ALA A 241 35.99 -15.32 11.62
C ALA A 241 36.65 -13.94 11.72
N ASP A 242 37.96 -13.86 11.46
CA ASP A 242 38.71 -12.62 11.61
C ASP A 242 38.99 -11.94 10.27
N GLU A 243 38.19 -12.28 9.27
CA GLU A 243 38.35 -11.78 7.90
C GLU A 243 39.68 -12.19 7.27
N THR A 244 39.99 -13.49 7.41
CA THR A 244 41.13 -14.09 6.72
C THR A 244 40.65 -15.38 6.06
N TRP A 245 41.48 -15.96 5.20
CA TRP A 245 41.10 -17.15 4.45
C TRP A 245 41.79 -18.42 4.87
N TYR A 246 41.13 -19.53 4.60
CA TYR A 246 41.65 -20.87 4.84
C TYR A 246 41.52 -21.70 3.56
N LEU A 247 42.56 -22.46 3.26
CA LEU A 247 42.60 -23.33 2.08
C LEU A 247 43.46 -24.55 2.38
N GLN A 248 43.08 -25.69 1.84
CA GLN A 248 43.92 -26.88 1.95
C GLN A 248 44.08 -27.60 0.62
N ALA A 249 45.29 -28.10 0.38
CA ALA A 249 45.61 -28.86 -0.82
C ALA A 249 45.96 -30.29 -0.42
N THR A 250 45.32 -31.24 -1.08
CA THR A 250 45.55 -32.65 -0.82
C THR A 250 46.34 -33.32 -1.94
N LEU A 251 46.98 -34.43 -1.62
CA LEU A 251 47.72 -35.23 -2.61
C LEU A 251 47.67 -36.70 -2.21
N ASP A 252 47.32 -37.56 -3.16
CA ASP A 252 47.25 -39.00 -2.91
C ASP A 252 48.59 -39.66 -3.24
N VAL A 253 49.17 -40.34 -2.26
CA VAL A 253 50.43 -41.06 -2.42
C VAL A 253 50.32 -42.49 -1.88
N GLU A 254 51.21 -43.37 -2.33
CA GLU A 254 51.31 -44.69 -1.71
C GLU A 254 52.29 -44.62 -0.54
N ALA A 255 52.00 -45.37 0.52
CA ALA A 255 52.83 -45.38 1.73
C ALA A 255 54.31 -45.56 1.38
N GLY A 256 55.14 -44.63 1.88
CA GLY A 256 56.56 -44.62 1.57
C GLY A 256 56.95 -43.46 0.66
N GLU A 257 55.98 -42.96 -0.10
CA GLU A 257 56.21 -41.86 -1.04
C GLU A 257 56.34 -40.49 -0.36
N GLU A 258 55.90 -40.40 0.90
CA GLU A 258 55.90 -39.14 1.64
C GLU A 258 57.26 -38.43 1.66
N ALA A 259 58.32 -39.18 1.96
CA ALA A 259 59.66 -38.63 2.11
C ALA A 259 60.13 -37.94 0.84
N GLY A 260 60.58 -36.70 0.98
CA GLY A 260 61.03 -35.90 -0.16
C GLY A 260 59.98 -34.91 -0.64
N LEU A 261 58.74 -35.08 -0.19
CA LEU A 261 57.65 -34.19 -0.58
C LEU A 261 57.53 -32.97 0.32
N ALA A 262 57.10 -31.85 -0.26
CA ALA A 262 56.91 -30.61 0.47
C ALA A 262 55.72 -29.84 -0.05
N CYS A 263 55.02 -29.13 0.84
CA CYS A 263 53.98 -28.19 0.44
C CYS A 263 54.58 -26.80 0.30
N ARG A 264 54.41 -26.18 -0.87
CA ARG A 264 54.91 -24.83 -1.10
C ARG A 264 53.76 -23.83 -1.21
N VAL A 265 53.90 -22.71 -0.49
CA VAL A 265 52.87 -21.67 -0.45
C VAL A 265 53.42 -20.32 -0.90
N LYS A 266 52.84 -19.77 -1.96
CA LYS A 266 53.15 -18.41 -2.40
C LYS A 266 52.02 -17.47 -2.02
N HIS A 267 52.36 -16.32 -1.45
CA HIS A 267 51.37 -15.30 -1.09
C HIS A 267 51.98 -13.92 -1.08
N SER A 268 51.17 -12.92 -1.44
CA SER A 268 51.63 -11.53 -1.55
C SER A 268 52.19 -10.96 -0.24
N SER A 269 51.71 -11.46 0.89
CA SER A 269 52.15 -10.99 2.20
C SER A 269 53.54 -11.52 2.57
N LEU A 270 53.98 -12.58 1.88
CA LEU A 270 55.24 -13.24 2.19
C LEU A 270 56.44 -12.54 1.54
N GLY A 271 56.17 -11.57 0.67
CA GLY A 271 57.22 -10.92 -0.11
C GLY A 271 57.51 -11.76 -1.32
N GLY A 272 58.73 -12.30 -1.38
CA GLY A 272 59.09 -13.30 -2.38
C GLY A 272 59.57 -14.56 -1.69
N GLN A 273 59.22 -14.68 -0.42
CA GLN A 273 59.74 -15.71 0.47
C GLN A 273 58.68 -16.79 0.70
N ASP A 274 58.64 -17.77 -0.21
CA ASP A 274 57.65 -18.85 -0.16
C ASP A 274 57.78 -19.69 1.11
N ILE A 275 56.65 -20.08 1.67
CA ILE A 275 56.63 -21.07 2.74
C ILE A 275 56.85 -22.44 2.10
N ILE A 276 57.92 -23.12 2.51
CA ILE A 276 58.19 -24.48 2.06
C ILE A 276 58.17 -25.42 3.27
N LEU A 277 57.23 -26.36 3.26
CA LEU A 277 57.01 -27.23 4.41
C LEU A 277 57.21 -28.68 4.03
N TYR A 278 58.40 -29.21 4.35
CA TYR A 278 58.78 -30.58 4.03
C TYR A 278 58.08 -31.59 4.92
N TRP A 279 57.66 -32.71 4.33
CA TRP A 279 56.94 -33.74 5.06
C TRP A 279 57.68 -34.29 6.25
N GLY A 280 58.97 -34.59 6.09
CA GLY A 280 59.71 -35.22 7.18
C GLY A 280 60.28 -34.27 8.21
N SER A 281 59.95 -32.98 8.09
CA SER A 281 60.66 -31.91 8.79
C SER A 281 60.69 -32.01 10.32
N LEU A 282 61.75 -31.42 10.89
CA LEU A 282 61.89 -31.26 12.34
C LEU A 282 60.60 -30.72 12.96
N HIS A 283 60.03 -29.70 12.31
CA HIS A 283 58.86 -29.01 12.83
C HIS A 283 57.60 -29.80 12.68
N HIS A 284 57.44 -30.46 11.54
CA HIS A 284 56.29 -31.35 11.31
C HIS A 284 56.24 -32.44 12.35
N ILE A 285 57.37 -33.07 12.62
CA ILE A 285 57.46 -34.13 13.63
C ILE A 285 56.96 -33.64 15.00
N LEU A 286 57.43 -32.46 15.41
CA LEU A 286 57.05 -31.88 16.70
C LEU A 286 55.61 -31.39 16.73
N ASP A 287 55.15 -30.78 15.63
CA ASP A 287 53.75 -30.34 15.53
C ASP A 287 52.76 -31.50 15.49
N ALA A 288 53.17 -32.61 14.86
CA ALA A 288 52.35 -33.82 14.83
C ALA A 288 52.19 -34.42 16.23
N GLN A 289 53.24 -34.32 17.05
CA GLN A 289 53.20 -34.78 18.44
C GLN A 289 52.12 -34.06 19.24
N LYS A 290 52.01 -32.75 19.01
CA LYS A 290 51.00 -31.92 19.69
C LYS A 290 49.59 -32.13 19.12
N MET A 291 49.51 -32.82 17.99
CA MET A 291 48.27 -33.05 17.25
C MET A 291 47.60 -34.39 17.52
N VAL A 292 48.28 -35.26 18.28
CA VAL A 292 47.83 -36.64 18.52
C VAL A 292 46.48 -36.70 19.25
N TRP A 293 45.62 -37.62 18.83
CA TRP A 293 44.30 -37.83 19.45
C TRP A 293 43.80 -39.24 19.23
N ASN A 294 42.62 -39.55 19.78
CA ASN A 294 42.09 -40.91 19.79
C ASN A 294 41.29 -41.37 18.56
N HIS A 295 40.89 -40.43 17.70
CA HIS A 295 40.07 -40.70 16.51
C HIS A 295 38.73 -41.29 16.85
N ILE B 1 12.70 -29.83 2.04
CA ILE B 1 12.75 -28.62 1.17
C ILE B 1 13.76 -28.77 0.02
N GLN B 2 14.23 -27.65 -0.51
CA GLN B 2 14.87 -27.60 -1.82
C GLN B 2 16.34 -28.05 -1.93
N LYS B 3 17.24 -27.45 -1.15
CA LYS B 3 18.67 -27.79 -1.24
C LYS B 3 19.37 -28.06 0.10
N THR B 4 20.16 -29.14 0.11
CA THR B 4 20.81 -29.64 1.33
C THR B 4 22.09 -28.86 1.66
N PRO B 5 22.29 -28.55 2.96
CA PRO B 5 23.50 -27.86 3.40
C PRO B 5 24.75 -28.73 3.34
N GLN B 6 25.86 -28.12 2.89
CA GLN B 6 27.17 -28.74 2.99
C GLN B 6 27.87 -28.15 4.20
N ILE B 7 28.52 -29.01 4.98
CA ILE B 7 29.07 -28.62 6.29
C ILE B 7 30.57 -28.88 6.34
N GLN B 8 31.34 -27.85 6.73
CA GLN B 8 32.78 -27.98 6.85
C GLN B 8 33.29 -27.46 8.19
N VAL B 9 34.07 -28.30 8.88
CA VAL B 9 34.55 -28.00 10.22
C VAL B 9 36.08 -28.01 10.26
N TYR B 10 36.66 -26.90 10.69
CA TYR B 10 38.10 -26.65 10.62
C TYR B 10 38.55 -25.65 11.69
N SER B 11 39.80 -25.75 12.10
CA SER B 11 40.35 -24.87 13.13
C SER B 11 41.04 -23.66 12.51
N ARG B 12 41.02 -22.54 13.23
CA ARG B 12 41.67 -21.30 12.79
C ARG B 12 43.19 -21.40 12.82
N HIS B 13 43.71 -22.09 13.82
CA HIS B 13 45.16 -22.24 14.00
C HIS B 13 45.54 -23.70 14.04
N PRO B 14 46.82 -24.01 13.74
CA PRO B 14 47.32 -25.38 13.88
C PRO B 14 46.91 -25.97 15.23
N PRO B 15 46.23 -27.13 15.23
CA PRO B 15 45.77 -27.69 16.50
C PRO B 15 46.93 -28.13 17.39
N GLU B 16 46.94 -27.65 18.62
CA GLU B 16 47.88 -28.09 19.64
C GLU B 16 47.06 -28.46 20.86
N ASN B 17 47.17 -29.72 21.28
CA ASN B 17 46.44 -30.20 22.44
C ASN B 17 46.71 -29.33 23.67
N GLY B 18 45.65 -28.94 24.35
CA GLY B 18 45.74 -28.12 25.56
C GLY B 18 45.95 -26.63 25.33
N LYS B 19 45.94 -26.20 24.08
CA LYS B 19 46.15 -24.79 23.73
C LYS B 19 44.87 -24.18 23.15
N PRO B 20 44.48 -22.98 23.61
CA PRO B 20 43.26 -22.30 23.12
C PRO B 20 43.28 -22.04 21.62
N ASN B 21 42.14 -22.27 20.97
CA ASN B 21 42.02 -22.15 19.52
C ASN B 21 40.59 -21.75 19.15
N ILE B 22 40.36 -21.48 17.87
CA ILE B 22 39.03 -21.16 17.35
C ILE B 22 38.58 -22.27 16.40
N LEU B 23 37.39 -22.82 16.64
CA LEU B 23 36.81 -23.80 15.72
C LEU B 23 35.71 -23.19 14.85
N ASN B 24 35.84 -23.39 13.53
CA ASN B 24 34.89 -22.87 12.54
C ASN B 24 33.96 -23.93 11.97
N CYS B 25 32.67 -23.61 11.93
CA CYS B 25 31.70 -24.41 11.18
C CYS B 25 31.11 -23.61 10.02
N TYR B 26 31.47 -24.00 8.81
CA TYR B 26 31.05 -23.29 7.60
C TYR B 26 29.95 -24.07 6.88
N VAL B 27 28.76 -23.50 6.84
CA VAL B 27 27.59 -24.14 6.25
C VAL B 27 27.21 -23.42 4.94
N THR B 28 27.11 -24.18 3.86
CA THR B 28 26.88 -23.62 2.52
C THR B 28 25.85 -24.39 1.70
N GLN B 29 25.39 -23.76 0.63
CA GLN B 29 24.59 -24.39 -0.45
C GLN B 29 23.16 -24.78 -0.06
N PHE B 30 22.70 -24.33 1.11
CA PHE B 30 21.35 -24.67 1.55
C PHE B 30 20.28 -23.72 1.00
N HIS B 31 19.06 -24.24 0.86
CA HIS B 31 17.88 -23.44 0.49
C HIS B 31 16.63 -24.12 0.95
N PRO B 32 15.73 -23.39 1.64
CA PRO B 32 15.69 -21.96 1.98
C PRO B 32 16.69 -21.54 3.07
N PRO B 33 16.90 -20.22 3.25
CA PRO B 33 17.88 -19.69 4.21
C PRO B 33 17.64 -20.03 5.69
N HIS B 34 16.46 -20.53 6.02
CA HIS B 34 16.15 -20.90 7.40
C HIS B 34 16.94 -22.10 7.84
N ILE B 35 17.68 -21.95 8.94
CA ILE B 35 18.61 -22.98 9.40
C ILE B 35 18.93 -22.87 10.91
N GLU B 36 19.17 -24.02 11.54
CA GLU B 36 19.61 -24.05 12.93
C GLU B 36 20.98 -24.73 13.03
N ILE B 37 21.96 -24.00 13.56
CA ILE B 37 23.33 -24.51 13.68
C ILE B 37 23.77 -24.56 15.14
N GLN B 38 24.33 -25.70 15.53
CA GLN B 38 24.88 -25.88 16.87
C GLN B 38 26.28 -26.48 16.81
N MET B 39 27.15 -26.02 17.69
CA MET B 39 28.48 -26.60 17.84
C MET B 39 28.55 -27.35 19.17
N LEU B 40 29.04 -28.58 19.11
CA LEU B 40 28.98 -29.50 20.25
C LEU B 40 30.35 -29.90 20.78
N LYS B 41 30.47 -29.92 22.11
CA LYS B 41 31.63 -30.49 22.80
C LYS B 41 31.16 -31.69 23.61
N ASN B 42 31.64 -32.86 23.23
CA ASN B 42 31.22 -34.15 23.81
C ASN B 42 29.70 -34.35 23.77
N GLY B 43 29.10 -34.00 22.63
CA GLY B 43 27.66 -34.14 22.43
C GLY B 43 26.81 -33.08 23.11
N LYS B 44 27.43 -32.26 23.95
CA LYS B 44 26.75 -31.18 24.66
C LYS B 44 26.95 -29.85 23.95
N LYS B 45 25.87 -29.07 23.88
CA LYS B 45 25.88 -27.76 23.21
C LYS B 45 26.86 -26.79 23.87
N ILE B 46 27.72 -26.19 23.05
CA ILE B 46 28.64 -25.16 23.52
C ILE B 46 27.83 -23.86 23.71
N PRO B 47 27.85 -23.30 24.93
CA PRO B 47 27.02 -22.14 25.30
C PRO B 47 27.16 -20.92 24.38
N LYS B 48 28.36 -20.35 24.31
CA LYS B 48 28.57 -19.14 23.51
C LYS B 48 29.18 -19.43 22.14
N VAL B 49 28.33 -19.51 21.13
CA VAL B 49 28.77 -19.70 19.75
C VAL B 49 28.41 -18.44 18.96
N GLU B 50 29.44 -17.81 18.39
CA GLU B 50 29.26 -16.63 17.55
C GLU B 50 28.82 -17.05 16.16
N MET B 51 27.94 -16.26 15.56
CA MET B 51 27.45 -16.50 14.21
C MET B 51 27.71 -15.28 13.33
N SER B 52 28.17 -15.53 12.10
CA SER B 52 28.22 -14.47 11.11
C SER B 52 26.82 -14.19 10.61
N ASP B 53 26.61 -13.00 10.04
CA ASP B 53 25.36 -12.67 9.37
C ASP B 53 25.25 -13.53 8.12
N MET B 54 24.05 -14.06 7.86
CA MET B 54 23.84 -14.87 6.67
C MET B 54 24.02 -14.02 5.42
N SER B 55 24.64 -14.63 4.42
CA SER B 55 24.90 -13.98 3.15
C SER B 55 24.75 -15.02 2.04
N PHE B 56 24.92 -14.58 0.79
CA PHE B 56 24.93 -15.51 -0.33
C PHE B 56 26.00 -15.14 -1.35
N SER B 57 26.42 -16.15 -2.12
CA SER B 57 27.47 -15.99 -3.12
C SER B 57 26.89 -15.47 -4.43
N LYS B 58 27.76 -15.26 -5.41
CA LYS B 58 27.34 -14.73 -6.69
C LYS B 58 26.32 -15.69 -7.29
N ASP B 59 26.56 -16.99 -7.12
CA ASP B 59 25.65 -17.99 -7.68
C ASP B 59 24.41 -18.23 -6.81
N TRP B 60 24.14 -17.27 -5.92
CA TRP B 60 22.93 -17.25 -5.07
C TRP B 60 22.92 -18.25 -3.94
N SER B 61 24.04 -18.94 -3.75
CA SER B 61 24.19 -19.95 -2.70
C SER B 61 24.29 -19.28 -1.33
N PHE B 62 23.42 -19.67 -0.42
CA PHE B 62 23.52 -19.18 0.95
C PHE B 62 24.75 -19.76 1.65
N TYR B 63 25.31 -18.98 2.57
CA TYR B 63 26.38 -19.46 3.43
C TYR B 63 26.34 -18.73 4.76
N ILE B 64 26.92 -19.37 5.78
CA ILE B 64 26.98 -18.79 7.12
C ILE B 64 28.14 -19.43 7.90
N LEU B 65 28.86 -18.61 8.64
CA LEU B 65 29.99 -19.08 9.43
C LEU B 65 29.68 -19.04 10.92
N ALA B 66 29.71 -20.22 11.55
CA ALA B 66 29.63 -20.34 13.00
C ALA B 66 31.04 -20.57 13.52
N HIS B 67 31.34 -20.01 14.69
CA HIS B 67 32.65 -20.22 15.30
C HIS B 67 32.62 -20.13 16.80
N THR B 68 33.54 -20.87 17.43
CA THR B 68 33.64 -20.88 18.89
C THR B 68 35.09 -21.04 19.35
N GLU B 69 35.40 -20.42 20.48
CA GLU B 69 36.69 -20.62 21.13
C GLU B 69 36.67 -22.02 21.74
N PHE B 70 37.72 -22.80 21.44
CA PHE B 70 37.83 -24.14 21.98
C PHE B 70 39.27 -24.50 22.35
N THR B 71 39.43 -25.64 23.02
CA THR B 71 40.74 -26.17 23.34
C THR B 71 40.77 -27.63 22.92
N PRO B 72 41.49 -27.93 21.82
CA PRO B 72 41.61 -29.31 21.35
C PRO B 72 42.37 -30.17 22.35
N THR B 73 41.88 -31.38 22.55
CA THR B 73 42.54 -32.36 23.40
C THR B 73 42.55 -33.70 22.69
N GLU B 74 43.17 -34.70 23.31
CA GLU B 74 43.26 -36.04 22.75
C GLU B 74 41.92 -36.78 22.78
N THR B 75 41.07 -36.43 23.75
CA THR B 75 39.85 -37.19 24.04
C THR B 75 38.55 -36.43 23.81
N ASP B 76 38.58 -35.11 23.98
CA ASP B 76 37.38 -34.27 23.79
C ASP B 76 37.00 -34.20 22.32
N THR B 77 35.74 -34.50 22.03
CA THR B 77 35.23 -34.48 20.66
C THR B 77 34.52 -33.16 20.36
N TYR B 78 34.62 -32.73 19.11
CA TYR B 78 33.95 -31.51 18.64
C TYR B 78 33.15 -31.78 17.38
N ALA B 79 31.94 -31.23 17.34
CA ALA B 79 31.02 -31.46 16.22
C ALA B 79 30.19 -30.22 15.87
N CYS B 80 29.68 -30.21 14.65
CA CYS B 80 28.72 -29.20 14.21
C CYS B 80 27.45 -29.90 13.74
N ARG B 81 26.33 -29.56 14.38
CA ARG B 81 25.03 -30.16 14.05
C ARG B 81 24.12 -29.15 13.37
N VAL B 82 23.61 -29.53 12.21
CA VAL B 82 22.81 -28.63 11.37
C VAL B 82 21.39 -29.15 11.19
N LYS B 83 20.42 -28.33 11.58
CA LYS B 83 19.01 -28.61 11.36
C LYS B 83 18.50 -27.80 10.18
N HIS B 84 17.94 -28.50 9.19
CA HIS B 84 17.45 -27.87 7.96
C HIS B 84 16.33 -28.67 7.34
N ALA B 85 15.38 -27.97 6.73
CA ALA B 85 14.14 -28.57 6.20
C ALA B 85 14.36 -29.58 5.05
N SER B 86 15.50 -29.50 4.37
CA SER B 86 15.83 -30.42 3.29
C SER B 86 16.22 -31.81 3.80
N MET B 87 16.48 -31.89 5.12
CA MET B 87 16.87 -33.13 5.76
C MET B 87 15.82 -33.56 6.76
N ALA B 88 15.49 -34.84 6.75
CA ALA B 88 14.55 -35.40 7.73
C ALA B 88 15.16 -35.38 9.13
N GLU B 89 16.46 -35.65 9.22
CA GLU B 89 17.18 -35.67 10.50
C GLU B 89 18.29 -34.61 10.51
N PRO B 90 18.64 -34.10 11.72
CA PRO B 90 19.78 -33.18 11.83
C PRO B 90 21.10 -33.88 11.51
N LYS B 91 21.91 -33.26 10.65
CA LYS B 91 23.20 -33.83 10.28
C LYS B 91 24.29 -33.32 11.22
N THR B 92 25.08 -34.26 11.74
CA THR B 92 26.21 -33.93 12.62
C THR B 92 27.51 -34.25 11.90
N VAL B 93 28.41 -33.27 11.85
CA VAL B 93 29.72 -33.46 11.26
C VAL B 93 30.79 -33.22 12.31
N TYR B 94 31.55 -34.27 12.63
CA TYR B 94 32.60 -34.20 13.65
C TYR B 94 33.85 -33.56 13.08
N TRP B 95 34.53 -32.78 13.92
CA TRP B 95 35.82 -32.18 13.56
C TRP B 95 36.90 -33.23 13.52
N ASP B 96 37.56 -33.32 12.37
CA ASP B 96 38.67 -34.23 12.17
C ASP B 96 39.89 -33.43 11.76
N ARG B 97 40.79 -33.20 12.72
CA ARG B 97 41.98 -32.37 12.53
C ARG B 97 42.91 -32.86 11.41
N ASP B 98 42.79 -34.13 11.06
CA ASP B 98 43.71 -34.77 10.12
C ASP B 98 43.32 -34.60 8.64
N MET B 99 42.04 -34.35 8.37
CA MET B 99 41.54 -34.25 7.00
C MET B 99 41.14 -32.83 6.59
N THR C 1 -7.53 9.48 9.26
CA THR C 1 -6.48 9.28 10.31
C THR C 1 -5.09 9.75 9.84
N GLN C 2 -4.69 9.34 8.64
CA GLN C 2 -3.41 9.75 8.06
C GLN C 2 -3.58 10.87 7.03
N VAL C 3 -4.83 11.14 6.67
CA VAL C 3 -5.17 12.23 5.77
C VAL C 3 -6.15 13.15 6.49
N GLU C 4 -5.73 14.41 6.67
CA GLU C 4 -6.53 15.37 7.43
C GLU C 4 -6.88 16.60 6.58
N GLN C 5 -8.17 16.91 6.55
CA GLN C 5 -8.68 18.05 5.77
C GLN C 5 -9.22 19.14 6.68
N SER C 6 -8.92 20.39 6.33
CA SER C 6 -9.44 21.56 7.03
C SER C 6 -9.82 22.65 6.02
N PRO C 7 -10.88 23.44 6.31
CA PRO C 7 -11.76 23.30 7.48
C PRO C 7 -12.77 22.17 7.28
N GLN C 8 -13.51 21.83 8.33
CA GLN C 8 -14.55 20.81 8.26
C GLN C 8 -15.70 21.28 7.37
N SER C 9 -16.00 22.57 7.44
CA SER C 9 -17.08 23.18 6.68
C SER C 9 -16.68 24.59 6.27
N LEU C 10 -16.80 24.88 4.98
CA LEU C 10 -16.45 26.19 4.44
C LEU C 10 -17.66 26.90 3.85
N VAL C 11 -17.89 28.14 4.28
CA VAL C 11 -18.95 28.95 3.70
C VAL C 11 -18.32 30.06 2.86
N VAL C 12 -18.68 30.09 1.58
CA VAL C 12 -18.11 31.07 0.66
C VAL C 12 -19.19 31.86 -0.08
N ARG C 13 -19.03 33.17 -0.13
CA ARG C 13 -19.93 34.02 -0.90
C ARG C 13 -19.78 33.69 -2.38
N GLN C 14 -20.88 33.73 -3.12
CA GLN C 14 -20.84 33.39 -4.54
C GLN C 14 -19.97 34.38 -5.31
N GLY C 15 -19.19 33.87 -6.25
CA GLY C 15 -18.28 34.70 -7.04
C GLY C 15 -16.91 34.82 -6.42
N GLU C 16 -16.82 34.60 -5.10
CA GLU C 16 -15.54 34.62 -4.39
C GLU C 16 -14.72 33.35 -4.65
N ASN C 17 -13.51 33.33 -4.12
CA ASN C 17 -12.62 32.18 -4.24
C ASN C 17 -12.61 31.33 -2.97
N SER C 18 -12.56 30.01 -3.17
CA SER C 18 -12.49 29.08 -2.05
C SER C 18 -11.13 28.43 -1.95
N VAL C 19 -10.70 28.18 -0.72
CA VAL C 19 -9.41 27.55 -0.44
C VAL C 19 -9.62 26.36 0.51
N LEU C 20 -9.22 25.18 0.06
CA LEU C 20 -9.38 23.95 0.84
C LEU C 20 -8.02 23.29 1.11
N GLN C 21 -7.82 22.86 2.35
CA GLN C 21 -6.51 22.36 2.78
C GLN C 21 -6.50 20.85 3.05
N CYS C 22 -5.37 20.22 2.73
CA CYS C 22 -5.16 18.81 3.02
C CYS C 22 -3.76 18.59 3.60
N ASN C 23 -3.71 17.88 4.72
CA ASN C 23 -2.44 17.52 5.35
C ASN C 23 -2.37 16.01 5.57
N TYR C 24 -1.21 15.43 5.30
CA TYR C 24 -1.06 13.98 5.34
C TYR C 24 0.26 13.51 5.97
N SER C 25 0.32 12.22 6.28
CA SER C 25 1.51 11.60 6.84
C SER C 25 1.76 10.20 6.26
N VAL C 26 1.02 9.86 5.20
CA VAL C 26 1.17 8.55 4.55
C VAL C 26 2.51 8.49 3.81
N THR C 27 3.19 7.35 3.92
CA THR C 27 4.44 7.12 3.21
C THR C 27 4.42 5.75 2.54
N PRO C 28 4.96 5.65 1.30
CA PRO C 28 5.35 6.81 0.50
C PRO C 28 4.12 7.59 0.00
N ASP C 29 4.34 8.84 -0.37
CA ASP C 29 3.26 9.70 -0.87
C ASP C 29 3.41 9.91 -2.36
N ASN C 30 3.21 8.82 -3.12
CA ASN C 30 3.42 8.83 -4.56
C ASN C 30 2.60 9.88 -5.31
N HIS C 31 1.33 10.02 -4.93
CA HIS C 31 0.45 11.00 -5.53
C HIS C 31 -0.70 11.36 -4.64
N LEU C 32 -1.21 12.57 -4.83
CA LEU C 32 -2.37 13.08 -4.12
C LEU C 32 -3.38 13.58 -5.14
N ARG C 33 -4.67 13.35 -4.88
CA ARG C 33 -5.71 13.78 -5.81
C ARG C 33 -6.96 14.30 -5.09
N TRP C 34 -7.76 15.09 -5.80
CA TRP C 34 -8.97 15.69 -5.25
C TRP C 34 -10.21 15.21 -5.93
N PHE C 35 -11.24 14.94 -5.13
CA PHE C 35 -12.52 14.46 -5.62
C PHE C 35 -13.66 15.36 -5.17
N LYS C 36 -14.65 15.53 -6.04
CA LYS C 36 -15.88 16.21 -5.70
C LYS C 36 -17.01 15.20 -5.53
N GLN C 37 -17.70 15.25 -4.40
CA GLN C 37 -18.87 14.41 -4.16
C GLN C 37 -20.13 15.25 -3.91
N ASP C 38 -21.05 15.21 -4.87
CA ASP C 38 -22.39 15.79 -4.69
C ASP C 38 -23.19 14.94 -3.70
N THR C 39 -24.23 15.54 -3.13
CA THR C 39 -25.10 14.83 -2.18
C THR C 39 -25.81 13.67 -2.89
N GLY C 40 -25.81 12.50 -2.26
CA GLY C 40 -26.46 11.31 -2.82
C GLY C 40 -25.82 10.77 -4.08
N LYS C 41 -24.54 11.10 -4.29
CA LYS C 41 -23.80 10.69 -5.49
C LYS C 41 -22.41 10.16 -5.14
N GLY C 42 -21.63 9.85 -6.18
CA GLY C 42 -20.29 9.30 -5.99
C GLY C 42 -19.18 10.32 -6.15
N LEU C 43 -17.95 9.84 -6.23
CA LEU C 43 -16.78 10.69 -6.34
C LEU C 43 -16.44 11.01 -7.79
N VAL C 44 -16.20 12.29 -8.05
CA VAL C 44 -15.83 12.79 -9.38
C VAL C 44 -14.42 13.36 -9.32
N SER C 45 -13.55 12.89 -10.20
CA SER C 45 -12.14 13.32 -10.23
C SER C 45 -11.99 14.78 -10.64
N LEU C 46 -11.32 15.56 -9.79
CA LEU C 46 -11.04 16.96 -10.10
C LEU C 46 -9.63 17.13 -10.65
N THR C 47 -8.63 16.69 -9.88
CA THR C 47 -7.23 16.87 -10.25
C THR C 47 -6.31 15.87 -9.57
N VAL C 48 -5.23 15.51 -10.26
CA VAL C 48 -4.22 14.57 -9.73
C VAL C 48 -2.85 15.24 -9.69
N LEU C 49 -2.21 15.23 -8.52
CA LEU C 49 -0.90 15.84 -8.30
C LEU C 49 0.15 14.76 -8.03
N VAL C 50 1.32 14.89 -8.66
CA VAL C 50 2.30 13.81 -8.71
C VAL C 50 3.71 14.22 -8.25
N ASP C 51 4.17 15.39 -8.70
CA ASP C 51 5.55 15.84 -8.44
C ASP C 51 5.78 16.43 -7.06
N GLN C 52 7.05 16.55 -6.69
CA GLN C 52 7.49 17.09 -5.39
C GLN C 52 6.89 18.47 -5.11
N LYS C 53 7.01 19.36 -6.09
CA LYS C 53 6.30 20.65 -6.09
C LYS C 53 5.45 20.66 -7.35
N ASP C 54 4.14 20.62 -7.17
CA ASP C 54 3.24 20.43 -8.30
C ASP C 54 2.09 21.45 -8.31
N LYS C 55 1.71 21.86 -9.52
CA LYS C 55 0.53 22.69 -9.75
C LYS C 55 -0.27 22.06 -10.87
N THR C 56 -1.58 21.92 -10.66
CA THR C 56 -2.48 21.42 -11.69
C THR C 56 -3.70 22.32 -11.78
N SER C 57 -4.35 22.32 -12.94
CA SER C 57 -5.61 23.04 -13.10
C SER C 57 -6.59 22.26 -13.97
N ASN C 58 -7.87 22.40 -13.64
CA ASN C 58 -8.95 21.76 -14.37
C ASN C 58 -10.18 22.67 -14.31
N GLY C 59 -10.43 23.40 -15.40
CA GLY C 59 -11.47 24.43 -15.41
C GLY C 59 -11.25 25.42 -14.28
N ARG C 60 -12.27 25.59 -13.44
CA ARG C 60 -12.21 26.54 -12.33
C ARG C 60 -11.47 25.98 -11.10
N TYR C 61 -11.16 24.69 -11.15
CA TYR C 61 -10.39 24.05 -10.10
C TYR C 61 -8.90 24.10 -10.41
N SER C 62 -8.11 24.41 -9.39
CA SER C 62 -6.66 24.29 -9.49
C SER C 62 -6.11 23.85 -8.13
N ALA C 63 -4.98 23.15 -8.15
CA ALA C 63 -4.41 22.63 -6.91
C ALA C 63 -2.88 22.70 -6.89
N THR C 64 -2.33 22.78 -5.69
CA THR C 64 -0.89 22.75 -5.49
C THR C 64 -0.52 21.59 -4.56
N LEU C 65 0.67 21.02 -4.77
CA LEU C 65 1.19 19.99 -3.87
C LEU C 65 2.61 20.30 -3.43
N ASP C 66 2.80 20.32 -2.12
CA ASP C 66 4.12 20.37 -1.55
C ASP C 66 4.28 19.05 -0.83
N LYS C 67 5.26 18.28 -1.26
CA LYS C 67 5.55 16.99 -0.61
C LYS C 67 6.46 17.10 0.62
N ASP C 68 7.36 18.07 0.62
CA ASP C 68 8.21 18.34 1.78
C ASP C 68 7.39 18.80 2.98
N ALA C 69 6.37 19.61 2.71
CA ALA C 69 5.46 20.08 3.75
C ALA C 69 4.30 19.09 3.97
N LYS C 70 4.19 18.11 3.08
CA LYS C 70 3.10 17.13 3.09
C LYS C 70 1.74 17.83 3.12
N HIS C 71 1.57 18.76 2.20
CA HIS C 71 0.43 19.67 2.22
C HIS C 71 -0.06 19.96 0.84
N SER C 72 -1.38 19.94 0.68
CA SER C 72 -2.01 20.29 -0.58
C SER C 72 -3.17 21.25 -0.37
N THR C 73 -3.32 22.18 -1.31
CA THR C 73 -4.42 23.13 -1.30
C THR C 73 -5.20 23.01 -2.61
N LEU C 74 -6.52 22.92 -2.50
CA LEU C 74 -7.41 23.02 -3.65
C LEU C 74 -8.00 24.42 -3.72
N HIS C 75 -7.97 25.00 -4.91
CA HIS C 75 -8.53 26.33 -5.17
C HIS C 75 -9.72 26.22 -6.07
N ILE C 76 -10.80 26.90 -5.69
CA ILE C 76 -11.95 27.05 -6.56
C ILE C 76 -12.12 28.53 -6.91
N THR C 77 -11.90 28.86 -8.17
CA THR C 77 -12.00 30.24 -8.65
C THR C 77 -13.44 30.56 -9.05
N ALA C 78 -13.91 31.74 -8.64
CA ALA C 78 -15.24 32.24 -8.97
C ALA C 78 -16.33 31.21 -8.67
N THR C 79 -16.56 30.97 -7.39
CA THR C 79 -17.46 29.90 -6.93
C THR C 79 -18.90 30.06 -7.40
N LEU C 80 -19.43 29.02 -8.03
CA LEU C 80 -20.82 28.96 -8.44
C LEU C 80 -21.62 28.15 -7.41
N LEU C 81 -22.94 28.25 -7.48
CA LEU C 81 -23.82 27.52 -6.56
C LEU C 81 -23.70 26.00 -6.68
N ASP C 82 -23.35 25.53 -7.87
CA ASP C 82 -23.16 24.09 -8.14
C ASP C 82 -21.88 23.50 -7.51
N ASP C 83 -21.02 24.37 -6.99
CA ASP C 83 -19.82 23.93 -6.26
C ASP C 83 -20.13 23.39 -4.87
N THR C 84 -21.35 23.64 -4.39
CA THR C 84 -21.81 23.10 -3.11
C THR C 84 -21.69 21.59 -3.15
N ALA C 85 -20.75 21.05 -2.36
CA ALA C 85 -20.46 19.62 -2.31
C ALA C 85 -19.41 19.32 -1.26
N THR C 86 -19.16 18.04 -1.03
CA THR C 86 -18.05 17.59 -0.21
C THR C 86 -16.83 17.40 -1.10
N TYR C 87 -15.68 17.91 -0.66
CA TYR C 87 -14.44 17.79 -1.40
C TYR C 87 -13.48 16.90 -0.66
N ILE C 88 -13.02 15.85 -1.33
CA ILE C 88 -12.24 14.80 -0.67
C ILE C 88 -10.82 14.75 -1.20
N CYS C 89 -9.87 14.80 -0.27
CA CYS C 89 -8.46 14.66 -0.57
C CYS C 89 -8.03 13.21 -0.35
N VAL C 90 -7.29 12.66 -1.32
CA VAL C 90 -6.91 11.25 -1.34
C VAL C 90 -5.43 11.08 -1.71
N VAL C 91 -4.69 10.35 -0.88
CA VAL C 91 -3.28 10.06 -1.18
C VAL C 91 -3.08 8.59 -1.55
N GLY C 92 -2.43 8.36 -2.68
CA GLY C 92 -2.05 7.01 -3.10
C GLY C 92 -0.63 6.68 -2.67
N ASP C 93 -0.44 5.50 -2.10
CA ASP C 93 0.87 5.16 -1.52
C ASP C 93 1.85 4.42 -2.45
N ARG C 94 1.45 4.16 -3.69
CA ARG C 94 2.35 3.58 -4.69
C ARG C 94 2.14 4.18 -6.08
N GLY C 95 3.17 4.08 -6.91
CA GLY C 95 3.06 4.41 -8.33
C GLY C 95 2.57 3.24 -9.17
N SER C 96 2.21 2.14 -8.50
CA SER C 96 1.65 0.97 -9.18
C SER C 96 0.31 0.59 -8.59
N ALA C 97 -0.45 -0.24 -9.30
CA ALA C 97 -1.77 -0.71 -8.86
C ALA C 97 -1.72 -1.62 -7.65
N LEU C 98 -0.51 -1.85 -7.11
CA LEU C 98 -0.34 -2.61 -5.87
C LEU C 98 -0.58 -1.72 -4.66
N GLY C 99 -0.74 -0.42 -4.91
CA GLY C 99 -0.92 0.56 -3.84
C GLY C 99 -2.30 0.57 -3.21
N ARG C 100 -2.43 1.36 -2.15
CA ARG C 100 -3.71 1.61 -1.50
C ARG C 100 -3.98 3.11 -1.45
N LEU C 101 -5.25 3.47 -1.48
CA LEU C 101 -5.66 4.86 -1.36
C LEU C 101 -6.04 5.19 0.07
N HIS C 102 -5.65 6.38 0.52
CA HIS C 102 -5.96 6.85 1.85
C HIS C 102 -6.85 8.07 1.76
N PHE C 103 -8.07 7.93 2.28
CA PHE C 103 -9.12 8.93 2.07
C PHE C 103 -9.29 9.89 3.23
N GLY C 104 -9.32 11.19 2.91
CA GLY C 104 -9.64 12.22 3.88
C GLY C 104 -11.13 12.20 4.20
N ALA C 105 -11.50 12.77 5.34
CA ALA C 105 -12.89 12.82 5.78
C ALA C 105 -13.73 13.77 4.94
N GLY C 106 -13.07 14.76 4.32
CA GLY C 106 -13.76 15.68 3.42
C GLY C 106 -14.05 17.05 4.01
N THR C 107 -14.24 18.02 3.11
CA THR C 107 -14.62 19.38 3.47
C THR C 107 -15.95 19.71 2.80
N GLN C 108 -16.96 20.05 3.61
CA GLN C 108 -18.25 20.51 3.08
C GLN C 108 -18.15 21.97 2.64
N LEU C 109 -18.39 22.22 1.36
CA LEU C 109 -18.43 23.59 0.85
C LEU C 109 -19.87 24.06 0.70
N ILE C 110 -20.19 25.18 1.35
CA ILE C 110 -21.50 25.79 1.24
C ILE C 110 -21.40 27.15 0.55
N VAL C 111 -22.04 27.26 -0.61
CA VAL C 111 -21.99 28.49 -1.41
C VAL C 111 -23.29 29.28 -1.27
N ILE C 112 -23.22 30.38 -0.53
CA ILE C 112 -24.38 31.27 -0.35
C ILE C 112 -24.47 32.32 -1.47
N PRO C 113 -25.69 32.57 -1.98
CA PRO C 113 -25.87 33.43 -3.15
C PRO C 113 -25.73 34.91 -2.82
N ASP C 114 -25.51 35.72 -3.87
CA ASP C 114 -25.46 37.17 -3.70
C ASP C 114 -26.81 37.77 -4.09
N ILE C 115 -27.57 38.17 -3.08
CA ILE C 115 -28.88 38.79 -3.29
C ILE C 115 -28.73 40.31 -3.22
N GLN C 116 -28.57 40.92 -4.39
CA GLN C 116 -28.36 42.37 -4.47
C GLN C 116 -29.66 43.17 -4.33
N ASN C 117 -30.78 42.55 -4.71
CA ASN C 117 -32.09 43.19 -4.62
C ASN C 117 -33.10 42.39 -3.78
N PRO C 118 -32.92 42.38 -2.44
CA PRO C 118 -33.83 41.61 -1.58
C PRO C 118 -35.21 42.25 -1.45
N ASP C 119 -36.23 41.41 -1.28
CA ASP C 119 -37.61 41.87 -1.11
C ASP C 119 -38.39 40.90 -0.21
N PRO C 120 -38.03 40.83 1.09
CA PRO C 120 -38.55 39.82 2.02
C PRO C 120 -40.08 39.83 2.09
N ALA C 121 -40.68 38.67 1.88
CA ALA C 121 -42.14 38.54 1.83
C ALA C 121 -42.60 37.11 2.08
N VAL C 122 -43.79 36.98 2.68
CA VAL C 122 -44.46 35.68 2.84
C VAL C 122 -45.72 35.63 2.00
N TYR C 123 -46.09 34.44 1.53
CA TYR C 123 -47.28 34.26 0.70
C TYR C 123 -47.98 32.95 1.03
N GLN C 124 -49.30 32.94 0.89
CA GLN C 124 -50.10 31.73 1.11
C GLN C 124 -50.40 31.05 -0.23
N LEU C 125 -50.08 29.77 -0.31
CA LEU C 125 -50.32 28.99 -1.52
C LEU C 125 -51.27 27.83 -1.25
N ARG C 126 -52.33 27.75 -2.05
CA ARG C 126 -53.32 26.69 -1.90
C ARG C 126 -53.10 25.57 -2.91
N ASP C 127 -53.67 24.41 -2.64
CA ASP C 127 -53.54 23.27 -3.53
C ASP C 127 -54.20 23.53 -4.88
N SER C 128 -54.45 22.47 -5.65
CA SER C 128 -55.07 22.59 -6.96
C SER C 128 -55.72 21.28 -7.44
N LYS C 129 -57.05 21.19 -7.33
CA LYS C 129 -57.84 22.15 -6.58
C LYS C 129 -58.74 21.49 -5.52
N SER C 130 -58.66 20.18 -5.40
CA SER C 130 -59.65 19.40 -4.63
C SER C 130 -59.73 19.69 -3.13
N SER C 131 -58.59 19.84 -2.47
CA SER C 131 -58.55 20.10 -1.03
C SER C 131 -57.74 21.37 -0.76
N ASP C 132 -58.26 22.26 0.09
CA ASP C 132 -57.53 23.51 0.29
C ASP C 132 -56.63 23.52 1.53
N LYS C 133 -55.47 22.87 1.40
CA LYS C 133 -54.42 22.92 2.40
C LYS C 133 -53.61 24.18 2.13
N SER C 134 -53.18 24.85 3.20
CA SER C 134 -52.44 26.09 3.07
C SER C 134 -50.97 25.93 3.44
N VAL C 135 -50.09 26.34 2.53
CA VAL C 135 -48.65 26.25 2.77
C VAL C 135 -47.94 27.55 2.40
N CYS C 136 -47.61 28.35 3.40
CA CYS C 136 -46.93 29.62 3.19
C CYS C 136 -45.41 29.46 3.27
N LEU C 137 -44.71 30.58 3.34
CA LEU C 137 -43.25 30.57 3.43
C LEU C 137 -42.66 31.83 2.82
N PHE C 138 -41.93 32.58 3.64
CA PHE C 138 -41.30 33.82 3.19
C PHE C 138 -40.16 33.53 2.22
N THR C 139 -39.92 34.46 1.30
CA THR C 139 -38.87 34.30 0.31
C THR C 139 -38.28 35.65 -0.09
N ASP C 140 -37.26 35.61 -0.95
CA ASP C 140 -36.60 36.85 -1.42
C ASP C 140 -35.81 37.62 -0.36
N PHE C 141 -35.42 36.93 0.71
CA PHE C 141 -34.63 37.53 1.79
C PHE C 141 -33.14 37.36 1.56
N ASP C 142 -32.34 38.24 2.16
CA ASP C 142 -30.88 38.21 2.00
C ASP C 142 -30.22 37.05 2.78
N SER C 143 -28.91 36.93 2.63
CA SER C 143 -28.15 35.82 3.21
C SER C 143 -28.16 35.79 4.74
N GLN C 144 -28.15 36.96 5.36
CA GLN C 144 -28.13 37.08 6.82
C GLN C 144 -29.42 36.60 7.51
N THR C 145 -30.51 36.55 6.75
CA THR C 145 -31.78 36.05 7.26
C THR C 145 -31.79 34.51 7.23
N ASN C 146 -31.15 33.90 8.23
CA ASN C 146 -31.14 32.45 8.34
C ASN C 146 -32.29 31.94 9.21
N VAL C 147 -33.06 31.00 8.67
CA VAL C 147 -34.25 30.47 9.33
C VAL C 147 -33.86 29.48 10.44
N SER C 148 -34.33 29.77 11.65
CA SER C 148 -34.13 28.88 12.79
C SER C 148 -35.08 27.69 12.71
N GLN C 149 -34.57 26.52 13.08
CA GLN C 149 -35.33 25.27 13.03
C GLN C 149 -36.54 25.31 13.96
N SER C 150 -37.62 24.66 13.53
CA SER C 150 -38.91 24.68 14.24
C SER C 150 -38.79 24.32 15.72
N LYS C 151 -39.44 25.13 16.56
CA LYS C 151 -39.51 24.88 18.00
C LYS C 151 -40.93 24.49 18.41
N ASP C 152 -41.76 24.22 17.42
CA ASP C 152 -43.12 23.72 17.63
C ASP C 152 -43.27 22.36 16.95
N SER C 153 -43.83 21.40 17.69
CA SER C 153 -43.99 20.03 17.21
C SER C 153 -45.13 19.87 16.20
N ASP C 154 -46.05 20.83 16.21
CA ASP C 154 -47.23 20.81 15.33
C ASP C 154 -46.91 21.33 13.93
N VAL C 155 -46.02 22.33 13.85
CA VAL C 155 -45.69 23.00 12.59
C VAL C 155 -44.30 22.57 12.08
N TYR C 156 -44.19 22.35 10.78
CA TYR C 156 -42.91 21.99 10.16
C TYR C 156 -42.32 23.15 9.37
N ILE C 157 -41.03 23.40 9.58
CA ILE C 157 -40.30 24.47 8.90
C ILE C 157 -39.08 23.90 8.18
N THR C 158 -39.03 24.09 6.87
CA THR C 158 -37.84 23.71 6.08
C THR C 158 -36.82 24.83 6.13
N ASP C 159 -35.55 24.46 6.10
CA ASP C 159 -34.45 25.43 6.06
C ASP C 159 -34.41 26.14 4.70
N LYS C 160 -33.63 27.22 4.63
CA LYS C 160 -33.54 28.01 3.41
C LYS C 160 -32.88 27.25 2.26
N CYS C 161 -33.43 27.44 1.06
CA CYS C 161 -32.86 26.86 -0.16
C CYS C 161 -32.81 27.94 -1.23
N VAL C 162 -31.85 27.84 -2.14
CA VAL C 162 -31.68 28.83 -3.20
C VAL C 162 -32.03 28.26 -4.58
N LEU C 163 -32.88 28.99 -5.30
CA LEU C 163 -33.29 28.59 -6.64
C LEU C 163 -32.86 29.65 -7.65
N ASP C 164 -32.24 29.24 -8.74
CA ASP C 164 -31.64 30.19 -9.65
C ASP C 164 -32.28 30.10 -10.99
N MET C 165 -32.78 31.22 -11.50
CA MET C 165 -33.32 31.24 -12.83
C MET C 165 -32.22 31.65 -13.77
N ARG C 166 -31.72 30.72 -14.55
CA ARG C 166 -30.55 30.99 -15.37
C ARG C 166 -30.72 32.05 -16.44
N SER C 167 -31.83 32.06 -17.13
CA SER C 167 -32.05 33.05 -18.17
C SER C 167 -32.07 34.49 -17.65
N MET C 168 -32.62 34.70 -16.47
CA MET C 168 -32.67 36.03 -15.92
C MET C 168 -31.56 36.36 -14.96
N ASP C 169 -30.64 35.44 -14.76
CA ASP C 169 -29.57 35.72 -13.83
C ASP C 169 -30.16 36.14 -12.50
N PHE C 170 -31.21 35.45 -12.07
CA PHE C 170 -31.86 35.80 -10.84
C PHE C 170 -31.82 34.71 -9.77
N LYS C 171 -31.46 35.07 -8.56
CA LYS C 171 -31.32 34.12 -7.46
C LYS C 171 -32.08 34.61 -6.23
N SER C 172 -32.75 33.69 -5.54
CA SER C 172 -33.52 34.01 -4.34
C SER C 172 -33.58 32.86 -3.32
N ASN C 173 -33.39 33.21 -2.05
CA ASN C 173 -33.59 32.28 -0.95
C ASN C 173 -35.08 32.03 -0.70
N SER C 174 -35.39 30.91 -0.07
CA SER C 174 -36.78 30.54 0.22
C SER C 174 -36.89 29.58 1.40
N ALA C 175 -37.96 29.73 2.18
CA ALA C 175 -38.30 28.81 3.26
C ALA C 175 -39.79 28.44 3.19
N VAL C 176 -40.12 27.22 3.61
CA VAL C 176 -41.47 26.70 3.52
C VAL C 176 -42.02 26.25 4.88
N ALA C 177 -43.27 26.62 5.16
CA ALA C 177 -43.92 26.30 6.42
C ALA C 177 -45.36 25.81 6.21
N TRP C 178 -45.71 24.74 6.91
CA TRP C 178 -47.06 24.17 6.86
C TRP C 178 -47.40 23.43 8.13
N SER C 179 -48.69 23.15 8.32
CA SER C 179 -49.15 22.37 9.47
C SER C 179 -50.38 21.52 9.12
N ALA C 185 -52.60 31.73 11.08
CA ALA C 185 -51.66 30.64 10.85
C ALA C 185 -50.48 31.07 9.97
N CYS C 186 -50.77 31.81 8.90
CA CYS C 186 -49.76 32.19 7.91
C CYS C 186 -48.75 33.22 8.43
N ALA C 187 -49.27 34.34 8.95
CA ALA C 187 -48.42 35.41 9.49
C ALA C 187 -47.83 35.05 10.86
N ASN C 188 -48.03 33.79 11.27
CA ASN C 188 -47.58 33.31 12.57
C ASN C 188 -46.45 32.29 12.47
N ALA C 189 -46.07 31.95 11.24
CA ALA C 189 -45.15 30.84 10.97
C ALA C 189 -43.71 31.06 11.43
N PHE C 190 -43.08 32.13 10.95
CA PHE C 190 -41.64 32.36 11.18
C PHE C 190 -41.38 33.36 12.31
N ASN C 191 -42.05 33.15 13.44
CA ASN C 191 -41.98 34.08 14.56
C ASN C 191 -40.77 33.89 15.48
N ASN C 192 -40.14 32.72 15.39
CA ASN C 192 -38.91 32.46 16.13
C ASN C 192 -37.66 32.81 15.33
N SER C 193 -37.83 32.93 14.01
CA SER C 193 -36.76 33.36 13.12
C SER C 193 -36.71 34.88 13.06
N ILE C 194 -35.50 35.43 13.09
CA ILE C 194 -35.30 36.89 13.08
C ILE C 194 -35.65 37.48 11.71
N ILE C 195 -36.88 37.99 11.62
CA ILE C 195 -37.39 38.59 10.39
C ILE C 195 -36.75 39.94 10.06
N PRO C 196 -36.51 40.22 8.76
CA PRO C 196 -36.09 41.57 8.38
C PRO C 196 -37.27 42.52 8.55
N GLU C 197 -37.08 43.58 9.33
CA GLU C 197 -38.20 44.38 9.82
C GLU C 197 -39.03 44.96 8.68
N ASP C 198 -38.37 45.37 7.60
CA ASP C 198 -39.09 45.83 6.42
C ASP C 198 -39.50 44.62 5.57
N THR C 199 -40.52 43.90 6.01
CA THR C 199 -40.97 42.68 5.34
C THR C 199 -42.40 42.80 4.83
N PHE C 200 -42.60 42.45 3.56
CA PHE C 200 -43.89 42.54 2.90
C PHE C 200 -44.95 41.54 3.38
N PHE C 201 -46.20 41.97 3.38
CA PHE C 201 -47.36 41.12 3.62
C PHE C 201 -48.49 41.45 2.64
N GLY D 1 -13.86 5.30 -21.61
CA GLY D 1 -15.13 5.51 -22.39
C GLY D 1 -16.22 4.53 -22.02
N GLY D 2 -16.64 4.58 -20.76
CA GLY D 2 -17.68 3.70 -20.27
C GLY D 2 -18.25 4.11 -18.94
N ILE D 3 -19.00 3.20 -18.33
CA ILE D 3 -19.65 3.46 -17.05
C ILE D 3 -19.29 2.41 -16.01
N ILE D 4 -19.37 2.82 -14.75
CA ILE D 4 -19.38 1.91 -13.63
C ILE D 4 -20.68 2.16 -12.86
N THR D 5 -21.57 1.17 -12.86
CA THR D 5 -22.87 1.32 -12.21
C THR D 5 -23.07 0.37 -11.04
N GLN D 6 -23.52 0.92 -9.92
CA GLN D 6 -23.92 0.13 -8.76
C GLN D 6 -25.42 -0.09 -8.78
N THR D 7 -25.84 -1.30 -8.40
CA THR D 7 -27.26 -1.61 -8.21
C THR D 7 -27.44 -2.40 -6.92
N PRO D 8 -28.48 -2.08 -6.13
CA PRO D 8 -29.45 -1.01 -6.40
C PRO D 8 -28.97 0.35 -5.89
N LYS D 9 -29.62 1.42 -6.35
CA LYS D 9 -29.33 2.77 -5.88
C LYS D 9 -29.70 2.93 -4.41
N PHE D 10 -30.88 2.43 -4.04
CA PHE D 10 -31.35 2.46 -2.66
C PHE D 10 -31.73 1.06 -2.22
N LEU D 11 -31.46 0.74 -0.95
CA LEU D 11 -31.74 -0.59 -0.43
C LEU D 11 -32.39 -0.54 0.95
N ILE D 12 -33.55 -1.19 1.05
CA ILE D 12 -34.23 -1.37 2.34
C ILE D 12 -33.76 -2.68 2.96
N GLY D 13 -33.23 -2.58 4.18
CA GLY D 13 -32.75 -3.75 4.90
C GLY D 13 -33.57 -4.07 6.13
N GLN D 14 -33.40 -5.29 6.64
CA GLN D 14 -34.06 -5.72 7.86
C GLN D 14 -33.02 -6.37 8.77
N GLU D 15 -33.20 -6.20 10.08
CA GLU D 15 -32.24 -6.72 11.06
C GLU D 15 -31.96 -8.21 10.84
N GLY D 16 -30.69 -8.53 10.62
CA GLY D 16 -30.25 -9.91 10.41
C GLY D 16 -30.37 -10.43 8.99
N GLN D 17 -30.94 -9.63 8.10
CA GLN D 17 -31.13 -10.01 6.70
C GLN D 17 -29.81 -9.97 5.92
N LYS D 18 -29.65 -10.89 4.98
CA LYS D 18 -28.49 -10.92 4.09
C LYS D 18 -28.77 -10.09 2.85
N LEU D 19 -27.85 -9.16 2.55
CA LEU D 19 -28.04 -8.19 1.49
C LEU D 19 -26.96 -8.34 0.41
N THR D 20 -27.31 -8.02 -0.83
CA THR D 20 -26.40 -8.17 -1.96
C THR D 20 -26.34 -6.92 -2.83
N LEU D 21 -25.14 -6.36 -2.97
CA LEU D 21 -24.92 -5.20 -3.84
C LEU D 21 -24.12 -5.59 -5.06
N LYS D 22 -24.56 -5.12 -6.23
CA LYS D 22 -23.92 -5.47 -7.49
C LYS D 22 -23.23 -4.24 -8.08
N CYS D 23 -22.06 -4.45 -8.66
CA CYS D 23 -21.30 -3.41 -9.33
C CYS D 23 -20.78 -3.93 -10.66
N GLN D 24 -21.10 -3.22 -11.75
CA GLN D 24 -20.68 -3.62 -13.08
C GLN D 24 -19.93 -2.48 -13.76
N GLN D 25 -18.95 -2.85 -14.58
CA GLN D 25 -18.01 -1.89 -15.14
C GLN D 25 -17.51 -2.35 -16.51
N ASN D 26 -17.46 -1.42 -17.46
CA ASN D 26 -17.01 -1.75 -18.82
C ASN D 26 -15.74 -1.01 -19.26
N PHE D 27 -14.95 -0.56 -18.28
CA PHE D 27 -13.68 0.10 -18.55
C PHE D 27 -12.57 -0.89 -18.91
N ASN D 28 -12.87 -2.17 -18.80
CA ASN D 28 -11.89 -3.26 -18.95
C ASN D 28 -10.86 -3.26 -17.80
N HIS D 29 -11.31 -2.89 -16.60
CA HIS D 29 -10.47 -2.83 -15.42
C HIS D 29 -10.37 -4.16 -14.73
N ASP D 30 -9.15 -4.54 -14.37
CA ASP D 30 -8.89 -5.78 -13.64
C ASP D 30 -9.17 -5.63 -12.15
N THR D 31 -8.89 -4.44 -11.62
CA THR D 31 -9.08 -4.20 -10.20
C THR D 31 -10.43 -3.55 -9.91
N MET D 32 -11.12 -4.06 -8.90
CA MET D 32 -12.39 -3.52 -8.45
C MET D 32 -12.42 -3.46 -6.92
N TYR D 33 -13.18 -2.52 -6.38
CA TYR D 33 -13.15 -2.20 -4.96
C TYR D 33 -14.55 -2.00 -4.39
N TRP D 34 -14.69 -2.29 -3.10
CA TRP D 34 -15.89 -1.94 -2.35
C TRP D 34 -15.50 -1.12 -1.15
N TYR D 35 -16.00 0.11 -1.11
CA TYR D 35 -15.71 1.02 -0.02
C TYR D 35 -16.98 1.27 0.79
N ARG D 36 -16.81 1.65 2.05
CA ARG D 36 -17.91 2.07 2.88
C ARG D 36 -17.67 3.50 3.34
N GLN D 37 -18.69 4.34 3.22
CA GLN D 37 -18.60 5.74 3.64
C GLN D 37 -19.44 6.01 4.87
N ASP D 38 -18.77 6.28 5.98
CA ASP D 38 -19.43 6.70 7.22
C ASP D 38 -19.21 8.18 7.44
N SER D 39 -20.23 8.85 7.98
CA SER D 39 -20.22 10.31 8.15
C SER D 39 -19.06 10.79 9.03
N GLY D 40 -18.22 11.65 8.45
CA GLY D 40 -17.11 12.27 9.18
C GLY D 40 -15.86 11.42 9.30
N LYS D 41 -15.84 10.29 8.58
CA LYS D 41 -14.74 9.33 8.71
C LYS D 41 -13.81 9.29 7.49
N GLY D 42 -14.40 9.23 6.29
CA GLY D 42 -13.63 9.02 5.07
C GLY D 42 -13.71 7.58 4.63
N LEU D 43 -13.68 7.36 3.31
CA LEU D 43 -13.87 6.03 2.72
C LEU D 43 -12.95 4.96 3.30
N ARG D 44 -13.51 3.78 3.54
CA ARG D 44 -12.75 2.65 4.06
C ARG D 44 -12.99 1.39 3.25
N LEU D 45 -11.89 0.78 2.81
CA LEU D 45 -11.90 -0.39 1.95
C LEU D 45 -12.44 -1.62 2.68
N ILE D 46 -13.47 -2.24 2.09
CA ILE D 46 -14.06 -3.45 2.63
C ILE D 46 -13.40 -4.67 1.96
N TYR D 47 -13.53 -4.74 0.64
CA TYR D 47 -12.97 -5.81 -0.15
C TYR D 47 -12.47 -5.24 -1.48
N TYR D 48 -11.52 -5.94 -2.07
CA TYR D 48 -11.07 -5.63 -3.42
C TYR D 48 -10.70 -6.92 -4.16
N SER D 49 -10.46 -6.81 -5.46
CA SER D 49 -10.29 -7.97 -6.32
C SER D 49 -9.35 -7.65 -7.49
N TYR D 50 -8.52 -8.61 -7.86
CA TYR D 50 -7.66 -8.51 -9.05
C TYR D 50 -8.30 -9.17 -10.27
N GLY D 51 -9.43 -9.81 -10.05
CA GLY D 51 -10.15 -10.52 -11.09
C GLY D 51 -11.00 -11.61 -10.46
N ALA D 52 -11.66 -12.41 -11.28
CA ALA D 52 -12.40 -13.58 -10.80
C ALA D 52 -11.43 -14.72 -10.51
N GLY D 53 -11.56 -15.40 -9.38
CA GLY D 53 -12.40 -15.02 -8.27
C GLY D 53 -11.45 -14.64 -7.14
N SER D 54 -10.68 -13.60 -7.38
CA SER D 54 -9.84 -12.98 -6.37
C SER D 54 -10.75 -12.13 -5.47
N THR D 55 -10.71 -12.40 -4.18
CA THR D 55 -11.45 -11.61 -3.20
C THR D 55 -10.54 -11.34 -2.01
N GLU D 56 -10.05 -10.10 -1.91
CA GLU D 56 -9.08 -9.76 -0.87
C GLU D 56 -9.68 -8.85 0.18
N LYS D 57 -9.38 -9.17 1.44
CA LYS D 57 -9.90 -8.43 2.57
C LYS D 57 -9.26 -7.06 2.71
N GLY D 58 -10.10 -6.04 2.88
CA GLY D 58 -9.63 -4.71 3.24
C GLY D 58 -9.69 -4.56 4.75
N ASP D 59 -9.54 -3.32 5.23
CA ASP D 59 -9.49 -3.06 6.67
C ASP D 59 -10.86 -3.22 7.35
N LEU D 60 -11.92 -3.29 6.56
CA LEU D 60 -13.28 -3.34 7.10
C LEU D 60 -14.07 -4.53 6.56
N SER D 61 -13.39 -5.66 6.40
CA SER D 61 -14.00 -6.86 5.78
C SER D 61 -14.97 -7.60 6.71
N GLU D 62 -14.77 -7.47 8.01
CA GLU D 62 -15.58 -8.20 8.96
C GLU D 62 -17.03 -7.80 8.78
N GLY D 63 -17.90 -8.80 8.76
CA GLY D 63 -19.35 -8.59 8.62
C GLY D 63 -19.81 -8.59 7.17
N TYR D 64 -18.85 -8.74 6.26
CA TYR D 64 -19.14 -8.72 4.83
C TYR D 64 -18.49 -9.90 4.12
N ASP D 65 -18.98 -10.19 2.92
CA ASP D 65 -18.32 -11.09 1.99
C ASP D 65 -18.43 -10.49 0.60
N ALA D 66 -17.59 -10.96 -0.31
CA ALA D 66 -17.58 -10.47 -1.69
C ALA D 66 -17.30 -11.60 -2.66
N SER D 67 -17.70 -11.41 -3.92
CA SER D 67 -17.38 -12.35 -4.98
C SER D 67 -17.28 -11.66 -6.34
N ARG D 68 -16.22 -12.01 -7.07
CA ARG D 68 -16.00 -11.54 -8.42
C ARG D 68 -16.27 -12.72 -9.35
N GLU D 69 -17.48 -12.75 -9.91
CA GLU D 69 -17.87 -13.79 -10.88
C GLU D 69 -17.10 -13.69 -12.20
N LYS D 70 -16.92 -12.47 -12.68
CA LYS D 70 -16.22 -12.19 -13.92
C LYS D 70 -15.54 -10.82 -13.83
N LYS D 71 -14.79 -10.47 -14.87
CA LYS D 71 -14.01 -9.23 -14.88
C LYS D 71 -14.87 -7.96 -14.68
N SER D 72 -16.03 -7.93 -15.34
CA SER D 72 -16.89 -6.75 -15.30
C SER D 72 -17.71 -6.62 -14.01
N SER D 73 -17.89 -7.72 -13.29
CA SER D 73 -18.81 -7.74 -12.15
C SER D 73 -18.18 -8.08 -10.80
N PHE D 74 -18.46 -7.24 -9.81
CA PHE D 74 -17.95 -7.42 -8.45
C PHE D 74 -19.07 -7.21 -7.44
N SER D 75 -19.48 -8.28 -6.77
CA SER D 75 -20.60 -8.23 -5.82
C SER D 75 -20.13 -8.15 -4.37
N LEU D 76 -20.84 -7.36 -3.58
CA LEU D 76 -20.64 -7.30 -2.14
C LEU D 76 -21.88 -7.81 -1.43
N THR D 77 -21.69 -8.60 -0.38
CA THR D 77 -22.81 -9.06 0.44
C THR D 77 -22.67 -8.59 1.88
N VAL D 78 -23.78 -8.11 2.43
CA VAL D 78 -23.86 -7.80 3.85
C VAL D 78 -24.36 -9.08 4.53
N THR D 79 -23.51 -9.67 5.36
CA THR D 79 -23.81 -10.96 6.00
C THR D 79 -25.01 -10.87 6.92
N SER D 80 -24.95 -9.99 7.91
CA SER D 80 -26.05 -9.78 8.85
C SER D 80 -26.27 -8.29 9.10
N ALA D 81 -27.34 -7.76 8.48
CA ALA D 81 -27.68 -6.34 8.58
C ALA D 81 -27.95 -5.90 10.03
N GLN D 82 -27.22 -4.87 10.47
CA GLN D 82 -27.34 -4.34 11.84
C GLN D 82 -28.66 -3.62 12.08
N LYS D 83 -29.04 -3.50 13.34
CA LYS D 83 -30.36 -3.00 13.77
C LYS D 83 -30.75 -1.63 13.18
N ASN D 84 -30.08 -0.57 13.62
CA ASN D 84 -30.42 0.78 13.20
C ASN D 84 -29.50 1.31 12.08
N GLU D 85 -28.90 0.38 11.34
CA GLU D 85 -27.86 0.71 10.36
C GLU D 85 -28.35 1.55 9.18
N MET D 86 -27.71 2.71 9.04
CA MET D 86 -27.79 3.52 7.84
C MET D 86 -26.38 3.59 7.25
N ALA D 87 -26.24 3.25 5.98
CA ALA D 87 -24.92 3.13 5.37
C ALA D 87 -24.88 3.53 3.90
N VAL D 88 -23.71 3.99 3.47
CA VAL D 88 -23.45 4.29 2.06
C VAL D 88 -22.27 3.45 1.58
N PHE D 89 -22.46 2.75 0.47
CA PHE D 89 -21.41 1.91 -0.11
C PHE D 89 -21.04 2.38 -1.51
N LEU D 90 -19.73 2.49 -1.75
CA LEU D 90 -19.23 2.95 -3.04
C LEU D 90 -18.32 1.92 -3.70
N CYS D 91 -18.65 1.57 -4.95
CA CYS D 91 -17.82 0.70 -5.77
C CYS D 91 -16.88 1.53 -6.63
N ALA D 92 -15.70 0.99 -6.89
CA ALA D 92 -14.72 1.61 -7.77
C ALA D 92 -13.96 0.56 -8.57
N SER D 93 -13.42 0.97 -9.71
CA SER D 93 -12.56 0.12 -10.50
C SER D 93 -11.32 0.89 -10.93
N GLY D 94 -10.22 0.17 -11.14
CA GLY D 94 -8.97 0.78 -11.56
C GLY D 94 -8.18 -0.04 -12.56
N SER D 95 -7.37 0.64 -13.36
CA SER D 95 -6.47 -0.03 -14.30
C SER D 95 -5.29 -0.61 -13.55
N LEU D 96 -4.95 -1.85 -13.88
CA LEU D 96 -3.79 -2.52 -13.28
C LEU D 96 -2.47 -1.89 -13.72
N LEU D 97 -2.48 -1.27 -14.91
CA LEU D 97 -1.28 -0.67 -15.48
C LEU D 97 -1.21 0.87 -15.31
N ASP D 98 -2.21 1.44 -14.62
CA ASP D 98 -2.24 2.87 -14.34
C ASP D 98 -2.98 3.14 -13.03
N VAL D 99 -2.20 3.30 -11.97
CA VAL D 99 -2.73 3.52 -10.63
C VAL D 99 -3.55 4.81 -10.51
N ARG D 100 -3.30 5.78 -11.40
CA ARG D 100 -3.99 7.07 -11.36
C ARG D 100 -5.39 7.00 -11.95
N GLU D 101 -5.67 5.96 -12.75
CA GLU D 101 -6.98 5.77 -13.36
C GLU D 101 -7.93 4.96 -12.47
N VAL D 102 -8.82 5.66 -11.77
CA VAL D 102 -9.80 5.06 -10.88
C VAL D 102 -11.16 5.76 -11.07
N PHE D 103 -12.21 4.98 -11.26
CA PHE D 103 -13.56 5.53 -11.41
C PHE D 103 -14.49 4.93 -10.35
N PHE D 104 -15.38 5.78 -9.83
CA PHE D 104 -16.32 5.38 -8.78
C PHE D 104 -17.75 5.32 -9.29
N GLY D 105 -18.55 4.43 -8.70
CA GLY D 105 -19.98 4.37 -8.97
C GLY D 105 -20.70 5.45 -8.18
N LYS D 106 -22.01 5.57 -8.39
CA LYS D 106 -22.80 6.65 -7.81
C LYS D 106 -23.20 6.40 -6.35
N GLY D 107 -23.00 5.18 -5.87
CA GLY D 107 -23.29 4.85 -4.47
C GLY D 107 -24.53 4.02 -4.26
N THR D 108 -24.58 3.34 -3.13
CA THR D 108 -25.76 2.62 -2.69
C THR D 108 -26.09 3.05 -1.27
N ARG D 109 -27.30 3.56 -1.08
CA ARG D 109 -27.74 4.01 0.22
C ARG D 109 -28.60 2.92 0.85
N LEU D 110 -28.18 2.47 2.02
CA LEU D 110 -28.87 1.42 2.76
C LEU D 110 -29.51 1.95 4.03
N THR D 111 -30.77 1.62 4.23
CA THR D 111 -31.48 1.93 5.46
C THR D 111 -32.14 0.66 5.99
N VAL D 112 -31.75 0.25 7.19
CA VAL D 112 -32.31 -0.93 7.83
C VAL D 112 -33.52 -0.54 8.67
N VAL D 113 -34.68 -1.12 8.33
CA VAL D 113 -35.93 -0.84 9.03
C VAL D 113 -36.18 -1.83 10.18
N GLU D 114 -36.92 -1.38 11.19
CA GLU D 114 -37.31 -2.22 12.32
C GLU D 114 -38.39 -3.23 11.90
N ALA D 115 -39.29 -2.77 11.02
CA ALA D 115 -40.30 -3.63 10.41
C ALA D 115 -40.70 -3.07 9.05
N LEU D 116 -41.08 -3.97 8.14
CA LEU D 116 -41.56 -3.58 6.80
C LEU D 116 -42.92 -2.88 6.85
N LYS D 117 -43.54 -2.90 8.02
CA LYS D 117 -44.82 -2.23 8.27
C LYS D 117 -44.64 -0.71 8.32
N ASN D 118 -43.41 -0.27 8.60
CA ASN D 118 -43.08 1.14 8.73
C ASN D 118 -42.75 1.83 7.40
N VAL D 119 -42.79 1.06 6.32
CA VAL D 119 -42.45 1.57 4.99
C VAL D 119 -43.67 2.21 4.32
N PHE D 120 -43.58 3.51 4.05
CA PHE D 120 -44.68 4.26 3.44
C PHE D 120 -44.24 5.01 2.18
N PRO D 121 -45.14 5.10 1.18
CA PRO D 121 -44.92 5.95 0.02
C PRO D 121 -45.18 7.43 0.37
N PRO D 122 -44.77 8.37 -0.52
CA PRO D 122 -45.06 9.77 -0.26
C PRO D 122 -46.39 10.25 -0.84
N GLU D 123 -46.98 11.25 -0.19
CA GLU D 123 -48.14 11.95 -0.74
C GLU D 123 -47.69 13.28 -1.32
N VAL D 124 -47.98 13.49 -2.60
CA VAL D 124 -47.46 14.64 -3.34
C VAL D 124 -48.54 15.67 -3.64
N ALA D 125 -48.32 16.89 -3.15
CA ALA D 125 -49.25 18.00 -3.36
C ALA D 125 -48.53 19.24 -3.89
N VAL D 126 -49.00 19.76 -5.02
CA VAL D 126 -48.48 20.98 -5.61
C VAL D 126 -49.40 22.17 -5.31
N PHE D 127 -48.78 23.31 -5.00
CA PHE D 127 -49.52 24.50 -4.62
C PHE D 127 -49.29 25.64 -5.61
N GLU D 128 -50.39 26.25 -6.06
CA GLU D 128 -50.34 27.32 -7.07
C GLU D 128 -49.82 28.64 -6.49
N PRO D 129 -49.11 29.43 -7.31
CA PRO D 129 -48.52 30.72 -6.90
C PRO D 129 -49.56 31.73 -6.41
N SER D 130 -49.18 32.50 -5.38
CA SER D 130 -50.07 33.49 -4.76
C SER D 130 -50.18 34.76 -5.61
N GLU D 131 -51.36 35.38 -5.56
CA GLU D 131 -51.62 36.63 -6.29
C GLU D 131 -50.73 37.77 -5.80
N ALA D 132 -50.55 37.85 -4.48
CA ALA D 132 -49.71 38.87 -3.86
C ALA D 132 -48.28 38.82 -4.40
N GLU D 133 -47.77 37.61 -4.65
CA GLU D 133 -46.45 37.43 -5.23
C GLU D 133 -46.40 37.85 -6.70
N ILE D 134 -47.41 37.42 -7.46
CA ILE D 134 -47.50 37.68 -8.90
C ILE D 134 -47.48 39.19 -9.21
N SER D 135 -48.26 39.96 -8.46
CA SER D 135 -48.36 41.41 -8.65
C SER D 135 -47.15 42.16 -8.12
N HIS D 136 -46.64 41.72 -6.97
CA HIS D 136 -45.57 42.43 -6.26
C HIS D 136 -44.20 42.17 -6.84
N THR D 137 -43.93 40.93 -7.23
CA THR D 137 -42.60 40.54 -7.70
C THR D 137 -42.51 40.34 -9.22
N GLN D 138 -43.67 40.19 -9.86
CA GLN D 138 -43.78 39.84 -11.28
C GLN D 138 -43.22 38.44 -11.58
N LYS D 139 -43.23 37.58 -10.57
CA LYS D 139 -42.77 36.20 -10.68
C LYS D 139 -43.79 35.25 -10.04
N ALA D 140 -43.57 33.95 -10.19
CA ALA D 140 -44.50 32.94 -9.68
C ALA D 140 -43.79 31.70 -9.15
N THR D 141 -44.03 31.37 -7.88
CA THR D 141 -43.46 30.17 -7.25
C THR D 141 -44.51 29.08 -7.09
N LEU D 142 -44.27 27.94 -7.75
CA LEU D 142 -45.05 26.74 -7.49
C LEU D 142 -44.33 25.92 -6.43
N VAL D 143 -45.06 25.47 -5.43
CA VAL D 143 -44.47 24.72 -4.31
C VAL D 143 -44.97 23.28 -4.30
N CYS D 144 -44.06 22.33 -4.08
CA CYS D 144 -44.39 20.91 -4.00
C CYS D 144 -44.07 20.37 -2.62
N LEU D 145 -44.95 19.52 -2.10
CA LEU D 145 -44.74 18.89 -0.80
C LEU D 145 -44.90 17.36 -0.86
N ALA D 146 -43.77 16.68 -0.64
CA ALA D 146 -43.76 15.23 -0.46
C ALA D 146 -43.81 14.93 1.03
N THR D 147 -44.77 14.11 1.43
CA THR D 147 -45.02 13.88 2.85
C THR D 147 -45.35 12.42 3.20
N GLY D 148 -44.94 12.01 4.40
CA GLY D 148 -45.30 10.71 4.95
C GLY D 148 -44.47 9.52 4.52
N PHE D 149 -43.47 9.76 3.67
CA PHE D 149 -42.66 8.66 3.13
C PHE D 149 -41.58 8.15 4.08
N TYR D 150 -41.39 6.83 4.08
CA TYR D 150 -40.30 6.18 4.79
C TYR D 150 -39.85 4.94 4.02
N PRO D 151 -38.53 4.75 3.84
CA PRO D 151 -37.45 5.65 4.26
C PRO D 151 -37.26 6.79 3.26
N ASP D 152 -36.33 7.69 3.54
CA ASP D 152 -36.07 8.83 2.66
C ASP D 152 -35.23 8.44 1.44
N HIS D 153 -35.83 7.62 0.58
CA HIS D 153 -35.22 7.23 -0.69
C HIS D 153 -36.08 7.76 -1.81
N VAL D 154 -35.99 9.07 -2.03
CA VAL D 154 -36.83 9.76 -3.00
C VAL D 154 -36.02 10.57 -4.01
N GLU D 155 -36.61 10.75 -5.20
CA GLU D 155 -36.06 11.64 -6.21
C GLU D 155 -37.17 12.54 -6.77
N LEU D 156 -37.10 13.83 -6.42
CA LEU D 156 -38.10 14.81 -6.85
C LEU D 156 -37.63 15.57 -8.09
N SER D 157 -38.51 15.64 -9.08
CA SER D 157 -38.23 16.38 -10.31
C SER D 157 -39.42 17.24 -10.73
N TRP D 158 -39.14 18.31 -11.46
CA TRP D 158 -40.18 19.18 -12.02
C TRP D 158 -40.28 19.00 -13.51
N TRP D 159 -41.51 19.00 -14.01
CA TRP D 159 -41.76 18.81 -15.44
C TRP D 159 -42.65 19.88 -15.99
N VAL D 160 -42.17 20.56 -17.03
CA VAL D 160 -42.96 21.58 -17.72
C VAL D 160 -43.16 21.22 -19.19
N ASN D 161 -44.43 21.10 -19.59
CA ASN D 161 -44.81 20.70 -20.94
C ASN D 161 -44.23 19.35 -21.38
N GLY D 162 -44.11 18.43 -20.44
CA GLY D 162 -43.58 17.09 -20.72
C GLY D 162 -42.06 17.03 -20.82
N LYS D 163 -41.38 18.06 -20.30
CA LYS D 163 -39.93 18.08 -20.27
C LYS D 163 -39.42 18.53 -18.91
N GLU D 164 -38.37 17.87 -18.43
CA GLU D 164 -37.80 18.15 -17.11
C GLU D 164 -37.04 19.48 -17.11
N VAL D 165 -37.28 20.28 -16.08
CA VAL D 165 -36.66 21.60 -15.94
C VAL D 165 -35.72 21.64 -14.74
N HIS D 166 -34.73 22.53 -14.79
CA HIS D 166 -33.75 22.67 -13.71
C HIS D 166 -33.54 24.09 -13.26
N SER D 167 -33.73 25.05 -14.16
CA SER D 167 -33.64 26.47 -13.81
C SER D 167 -34.88 26.93 -13.05
N GLY D 168 -34.66 27.70 -11.99
CA GLY D 168 -35.75 28.17 -11.12
C GLY D 168 -36.19 27.11 -10.12
N VAL D 169 -35.55 25.94 -10.19
CA VAL D 169 -35.88 24.81 -9.33
C VAL D 169 -35.00 24.79 -8.10
N CYS D 170 -35.59 24.46 -6.95
CA CYS D 170 -34.84 24.20 -5.73
C CYS D 170 -35.56 23.18 -4.86
N THR D 171 -34.85 22.10 -4.53
CA THR D 171 -35.37 21.06 -3.64
C THR D 171 -34.51 21.03 -2.39
N ASP D 172 -35.16 20.81 -1.23
CA ASP D 172 -34.46 20.74 0.04
C ASP D 172 -33.36 19.68 0.02
N PRO D 173 -32.15 20.03 0.50
CA PRO D 173 -31.07 19.06 0.64
C PRO D 173 -31.32 18.10 1.81
N GLN D 174 -32.22 18.49 2.70
CA GLN D 174 -32.54 17.71 3.89
C GLN D 174 -34.04 17.48 4.01
N PRO D 175 -34.45 16.22 4.25
CA PRO D 175 -35.85 15.94 4.57
C PRO D 175 -36.14 16.19 6.06
N LEU D 176 -37.40 16.49 6.37
CA LEU D 176 -37.83 16.69 7.76
C LEU D 176 -38.39 15.41 8.36
N LYS D 177 -38.18 15.25 9.67
CA LYS D 177 -38.78 14.14 10.41
C LYS D 177 -40.14 14.57 10.96
N GLU D 178 -41.17 13.79 10.63
CA GLU D 178 -42.54 14.09 11.05
C GLU D 178 -42.76 13.85 12.55
N GLN D 179 -42.23 12.74 13.05
CA GLN D 179 -42.25 12.44 14.48
C GLN D 179 -40.83 12.09 14.95
N PRO D 180 -39.98 13.12 15.18
CA PRO D 180 -38.54 12.97 15.44
C PRO D 180 -38.15 12.02 16.59
N ALA D 181 -39.13 11.60 17.38
CA ALA D 181 -38.90 10.67 18.50
C ALA D 181 -38.58 9.25 18.02
N LEU D 182 -39.27 8.81 16.96
CA LEU D 182 -39.14 7.46 16.43
C LEU D 182 -37.86 7.29 15.60
N ASN D 183 -37.30 6.08 15.63
CA ASN D 183 -36.19 5.72 14.74
C ASN D 183 -36.71 5.47 13.33
N ASP D 184 -37.97 5.02 13.24
CA ASP D 184 -38.65 4.81 11.97
C ASP D 184 -39.54 6.01 11.60
N SER D 185 -39.14 7.19 12.07
CA SER D 185 -39.85 8.44 11.82
C SER D 185 -40.03 8.70 10.32
N ARG D 186 -41.27 8.96 9.93
CA ARG D 186 -41.61 9.26 8.54
C ARG D 186 -41.06 10.63 8.13
N TYR D 187 -40.93 10.85 6.82
CA TYR D 187 -40.23 12.03 6.30
C TYR D 187 -41.10 12.99 5.50
N ALA D 188 -40.65 14.24 5.41
CA ALA D 188 -41.30 15.27 4.61
C ALA D 188 -40.26 16.09 3.85
N LEU D 189 -40.58 16.43 2.60
CA LEU D 189 -39.65 17.14 1.72
C LEU D 189 -40.41 18.17 0.86
N SER D 190 -39.80 19.33 0.66
CA SER D 190 -40.42 20.39 -0.16
C SER D 190 -39.52 20.88 -1.29
N SER D 191 -40.15 21.40 -2.34
CA SER D 191 -39.45 21.95 -3.49
C SER D 191 -40.21 23.10 -4.13
N ARG D 192 -39.50 24.15 -4.51
CA ARG D 192 -40.11 25.32 -5.16
C ARG D 192 -39.63 25.45 -6.60
N LEU D 193 -40.57 25.76 -7.50
CA LEU D 193 -40.26 26.08 -8.89
C LEU D 193 -40.64 27.54 -9.19
N ARG D 194 -39.63 28.37 -9.42
CA ARG D 194 -39.82 29.77 -9.73
C ARG D 194 -39.86 30.00 -11.24
N VAL D 195 -40.91 30.69 -11.69
CA VAL D 195 -41.06 31.05 -13.10
C VAL D 195 -41.67 32.45 -13.19
N SER D 196 -41.50 33.11 -14.33
CA SER D 196 -42.06 34.45 -14.53
C SER D 196 -43.59 34.44 -14.47
N ALA D 197 -44.17 35.54 -13.99
CA ALA D 197 -45.62 35.67 -13.86
C ALA D 197 -46.33 35.50 -15.20
N THR D 198 -45.73 36.00 -16.26
CA THR D 198 -46.24 35.87 -17.63
C THR D 198 -46.31 34.40 -18.10
N PHE D 199 -45.35 33.60 -17.64
CA PHE D 199 -45.27 32.18 -17.97
C PHE D 199 -46.36 31.38 -17.25
N TRP D 200 -46.65 31.78 -16.01
CA TRP D 200 -47.67 31.10 -15.21
C TRP D 200 -49.08 31.46 -15.61
N GLN D 201 -49.33 32.75 -15.83
CA GLN D 201 -50.66 33.26 -16.18
C GLN D 201 -51.27 32.56 -17.40
N ASN D 202 -50.40 32.11 -18.31
CA ASN D 202 -50.81 31.29 -19.45
C ASN D 202 -51.15 29.87 -18.99
N PRO D 203 -52.42 29.46 -19.13
CA PRO D 203 -52.84 28.12 -18.74
C PRO D 203 -52.63 27.07 -19.84
N ARG D 204 -51.82 27.42 -20.85
CA ARG D 204 -51.41 26.47 -21.88
C ARG D 204 -50.13 25.74 -21.47
N ASN D 205 -49.57 26.14 -20.34
CA ASN D 205 -48.37 25.51 -19.79
C ASN D 205 -48.70 24.54 -18.68
N HIS D 206 -48.22 23.31 -18.83
CA HIS D 206 -48.46 22.24 -17.86
C HIS D 206 -47.32 22.10 -16.89
N PHE D 207 -47.66 22.03 -15.60
CA PHE D 207 -46.68 21.92 -14.53
C PHE D 207 -46.91 20.63 -13.75
N ARG D 208 -45.90 19.77 -13.69
CA ARG D 208 -45.99 18.51 -12.95
C ARG D 208 -44.83 18.30 -11.99
N CYS D 209 -45.15 18.08 -10.72
CA CYS D 209 -44.16 17.71 -9.71
C CYS D 209 -44.17 16.20 -9.55
N GLN D 210 -43.02 15.58 -9.84
CA GLN D 210 -42.89 14.12 -9.84
C GLN D 210 -41.93 13.64 -8.75
N VAL D 211 -42.39 12.68 -7.95
CA VAL D 211 -41.54 12.07 -6.91
C VAL D 211 -41.37 10.56 -7.17
N GLN D 212 -40.15 10.18 -7.52
CA GLN D 212 -39.78 8.77 -7.65
C GLN D 212 -39.51 8.21 -6.26
N PHE D 213 -40.27 7.18 -5.88
CA PHE D 213 -40.08 6.52 -4.59
C PHE D 213 -39.45 5.14 -4.77
N TYR D 214 -38.48 4.83 -3.92
CA TYR D 214 -37.83 3.53 -3.95
C TYR D 214 -38.22 2.70 -2.74
N GLY D 215 -39.11 1.73 -2.98
CA GLY D 215 -39.65 0.91 -1.90
C GLY D 215 -39.39 -0.57 -2.09
N LEU D 216 -40.45 -1.31 -2.37
CA LEU D 216 -40.42 -2.77 -2.43
C LEU D 216 -40.69 -3.31 -3.84
N SER D 217 -40.30 -4.56 -4.06
CA SER D 217 -40.70 -5.31 -5.25
C SER D 217 -41.54 -6.53 -4.83
N GLU D 218 -41.71 -7.49 -5.74
CA GLU D 218 -42.61 -8.62 -5.49
C GLU D 218 -42.03 -9.76 -4.62
N ASN D 219 -40.71 -9.97 -4.71
CA ASN D 219 -40.05 -11.06 -4.00
C ASN D 219 -39.61 -10.72 -2.57
N ASP D 220 -39.74 -9.44 -2.22
CA ASP D 220 -39.63 -8.99 -0.83
C ASP D 220 -41.05 -8.68 -0.34
N GLU D 221 -41.90 -9.70 -0.44
CA GLU D 221 -43.36 -9.56 -0.26
C GLU D 221 -43.76 -9.42 1.21
N TRP D 222 -44.99 -8.93 1.41
CA TRP D 222 -45.56 -8.72 2.74
C TRP D 222 -47.01 -9.16 2.79
N THR D 223 -47.58 -9.15 4.00
CA THR D 223 -48.98 -9.56 4.19
C THR D 223 -49.74 -8.55 5.06
N GLN D 224 -50.20 -7.47 4.43
CA GLN D 224 -50.86 -6.39 5.15
C GLN D 224 -52.09 -5.89 4.39
N ASP D 225 -53.04 -5.31 5.13
CA ASP D 225 -54.26 -4.74 4.54
C ASP D 225 -53.95 -3.50 3.69
N ARG D 226 -52.91 -2.78 4.09
CA ARG D 226 -52.37 -1.66 3.32
C ARG D 226 -51.92 -2.07 1.92
N ALA D 227 -52.07 -1.16 0.97
CA ALA D 227 -51.54 -1.37 -0.38
C ALA D 227 -50.01 -1.45 -0.30
N LYS D 228 -49.42 -2.34 -1.09
CA LYS D 228 -47.98 -2.59 -1.03
C LYS D 228 -47.19 -1.34 -1.42
N PRO D 229 -46.27 -0.90 -0.54
CA PRO D 229 -45.49 0.31 -0.80
C PRO D 229 -44.34 0.02 -1.76
N VAL D 230 -44.69 -0.25 -3.02
CA VAL D 230 -43.71 -0.59 -4.05
C VAL D 230 -42.98 0.64 -4.58
N THR D 231 -41.92 0.39 -5.35
CA THR D 231 -41.22 1.43 -6.09
C THR D 231 -42.19 2.02 -7.12
N GLN D 232 -42.40 3.33 -7.05
CA GLN D 232 -43.43 4.00 -7.87
C GLN D 232 -43.17 5.49 -8.10
N ILE D 233 -43.96 6.06 -9.01
CA ILE D 233 -43.95 7.48 -9.29
C ILE D 233 -45.29 8.09 -8.88
N VAL D 234 -45.27 8.97 -7.88
CA VAL D 234 -46.47 9.70 -7.46
C VAL D 234 -46.32 11.19 -7.77
N SER D 235 -47.28 11.73 -8.50
CA SER D 235 -47.20 13.10 -9.01
C SER D 235 -48.35 14.01 -8.55
N ALA D 236 -48.18 15.31 -8.81
CA ALA D 236 -49.23 16.31 -8.61
C ALA D 236 -49.28 17.23 -9.83
N GLU D 237 -50.49 17.61 -10.22
CA GLU D 237 -50.72 18.25 -11.52
C GLU D 237 -51.19 19.69 -11.41
N ALA D 238 -50.81 20.51 -12.40
CA ALA D 238 -51.19 21.93 -12.46
C ALA D 238 -51.12 22.47 -13.89
N TRP D 239 -51.84 23.56 -14.13
CA TRP D 239 -51.84 24.21 -15.44
C TRP D 239 -51.52 25.69 -15.35
#